data_6QN6
#
_entry.id   6QN6
#
_cell.length_a   152.192
_cell.length_b   152.192
_cell.length_c   172.327
_cell.angle_alpha   90.00
_cell.angle_beta   90.00
_cell.angle_gamma   120.00
#
_symmetry.space_group_name_H-M   'H 3'
#
loop_
_entity.id
_entity.type
_entity.pdbx_description
1 polymer 'Carbonic anhydrase 9'
2 non-polymer 'ZINC ION'
3 non-polymer ~{N}-butyl-4-chloranyl-2-(2-phenylethylsulfanyl)-5-sulfamoyl-benzamide
4 water water
#
_entity_poly.entity_id   1
_entity_poly.type   'polypeptide(L)'
_entity_poly.pdbx_seq_one_letter_code
;GPDQSHWRYGGDPPWPRVSPACAGRFQSPVDIRPQLAAFSPALRPLELLGFQLPPLPELRLRNNGHSVQLTLPPGLEMAL
GPGREYRALQLHLHWGAAGRPGSEHTVEGHRFPAEIHVVHLSTAFARVDEALGRPGGLAVLAAFLEEGPEENSAYEQLLS
RLEEIAEEGSETQVPGLDISALLPSDFSRYFQYEGSLTTPPCAQGVIWTVFNQTVMLSAKQLHTLSDTLWGPGDSRLQLN
FRATQPLNGRVIEASFP
;
_entity_poly.pdbx_strand_id   A,B,C,D
#
# COMPACT_ATOMS: atom_id res chain seq x y z
N TRP A 7 35.61 3.19 3.90
CA TRP A 7 35.51 2.95 5.41
C TRP A 7 36.67 2.03 5.86
N ARG A 8 37.01 2.07 7.16
CA ARG A 8 38.16 1.33 7.77
C ARG A 8 37.74 0.81 9.15
N TYR A 9 38.46 -0.21 9.66
CA TYR A 9 38.38 -0.72 11.05
C TYR A 9 39.37 0.09 11.89
N GLY A 10 38.98 0.53 13.10
CA GLY A 10 39.88 1.26 14.02
C GLY A 10 40.01 2.75 13.71
N GLY A 11 40.22 3.13 12.44
CA GLY A 11 40.34 4.53 11.96
C GLY A 11 39.00 5.24 11.80
N ASP A 12 38.93 6.12 10.80
CA ASP A 12 37.75 6.96 10.47
C ASP A 12 37.60 7.05 8.94
N PRO A 13 36.27 7.12 8.62
CA PRO A 13 35.14 7.73 9.48
C PRO A 13 33.92 7.11 10.25
N PRO A 14 33.60 7.79 11.67
CA PRO A 14 32.36 7.26 12.25
C PRO A 14 31.53 6.52 11.18
N TRP A 15 31.05 5.32 11.49
CA TRP A 15 30.36 4.48 10.50
C TRP A 15 29.02 5.11 10.10
N PRO A 16 28.23 5.58 11.06
CA PRO A 16 26.96 6.24 10.72
C PRO A 16 27.09 7.37 9.68
N ARG A 17 28.32 7.88 9.45
CA ARG A 17 28.60 8.92 8.42
C ARG A 17 28.82 8.26 7.05
N VAL A 18 29.29 7.01 6.95
CA VAL A 18 29.32 6.28 5.63
C VAL A 18 27.92 5.70 5.37
N SER A 19 27.29 5.16 6.41
CA SER A 19 26.02 4.40 6.33
C SER A 19 25.21 4.72 7.56
N PRO A 20 24.30 5.70 7.47
CA PRO A 20 23.36 5.98 8.56
C PRO A 20 22.70 4.74 9.18
N ALA A 21 22.51 3.66 8.42
CA ALA A 21 21.98 2.36 8.92
C ALA A 21 22.82 1.82 10.09
N CYS A 22 24.12 2.11 10.12
CA CYS A 22 25.03 1.69 11.22
C CYS A 22 24.58 2.28 12.57
N ALA A 23 23.67 3.27 12.60
CA ALA A 23 23.07 3.83 13.84
C ALA A 23 21.68 3.28 14.12
N GLY A 24 21.26 2.19 13.44
CA GLY A 24 19.98 1.51 13.73
C GLY A 24 19.89 1.11 15.18
N ARG A 25 18.69 0.85 15.69
CA ARG A 25 18.46 0.31 17.06
C ARG A 25 18.76 -1.19 17.20
N PHE A 26 19.02 -1.96 16.14
CA PHE A 26 19.04 -3.45 16.19
C PHE A 26 20.24 -3.97 15.42
N GLN A 27 21.41 -3.63 15.96
CA GLN A 27 22.72 -3.89 15.31
C GLN A 27 23.41 -5.07 15.99
N SER A 28 24.45 -5.54 15.31
CA SER A 28 25.30 -6.71 15.59
C SER A 28 26.74 -6.24 15.45
N PRO A 29 27.72 -6.78 16.21
CA PRO A 29 27.52 -7.93 17.08
C PRO A 29 27.08 -7.47 18.46
N VAL A 30 26.80 -8.40 19.35
CA VAL A 30 26.22 -8.13 20.68
C VAL A 30 26.99 -8.94 21.71
N ASP A 31 26.82 -8.55 22.97
CA ASP A 31 27.35 -9.27 24.13
C ASP A 31 26.30 -10.33 24.48
N ILE A 32 26.69 -11.59 24.40
CA ILE A 32 25.83 -12.73 24.86
C ILE A 32 26.08 -12.95 26.34
N ARG A 33 25.00 -13.01 27.10
CA ARG A 33 24.96 -13.29 28.55
C ARG A 33 24.13 -14.56 28.71
N PRO A 34 24.76 -15.75 28.70
CA PRO A 34 24.02 -17.01 28.63
C PRO A 34 22.94 -17.11 29.71
N GLN A 35 23.08 -16.39 30.83
CA GLN A 35 22.17 -16.50 32.00
C GLN A 35 20.91 -15.66 31.73
N LEU A 36 20.99 -14.66 30.85
CA LEU A 36 19.83 -13.79 30.49
C LEU A 36 19.20 -14.24 29.17
N ALA A 37 19.76 -15.28 28.54
CA ALA A 37 19.21 -15.88 27.30
C ALA A 37 17.93 -16.65 27.61
N ALA A 38 17.01 -16.72 26.67
CA ALA A 38 15.74 -17.46 26.82
C ALA A 38 15.81 -18.81 26.11
N PHE A 39 15.73 -19.89 26.87
CA PHE A 39 15.65 -21.27 26.33
C PHE A 39 14.37 -21.37 25.50
N SER A 40 14.46 -21.54 24.18
CA SER A 40 13.28 -21.88 23.36
C SER A 40 13.39 -23.28 22.76
N PRO A 41 12.63 -24.26 23.28
CA PRO A 41 12.65 -25.64 22.76
C PRO A 41 12.35 -25.79 21.27
N ALA A 42 11.73 -24.78 20.66
CA ALA A 42 11.36 -24.75 19.22
C ALA A 42 12.61 -24.72 18.32
N LEU A 43 13.73 -24.22 18.83
CA LEU A 43 15.02 -24.20 18.12
C LEU A 43 15.51 -25.64 17.91
N ARG A 44 15.47 -26.11 16.67
CA ARG A 44 15.85 -27.48 16.28
C ARG A 44 17.33 -27.49 15.90
N PRO A 45 17.95 -28.67 15.79
CA PRO A 45 19.33 -28.72 15.25
C PRO A 45 19.44 -28.13 13.82
N LEU A 46 20.49 -27.35 13.59
CA LEU A 46 20.76 -26.76 12.26
C LEU A 46 20.96 -27.91 11.26
N GLU A 47 20.44 -27.83 10.03
CA GLU A 47 20.69 -28.81 8.94
C GLU A 47 21.58 -28.15 7.87
N LEU A 48 22.78 -28.69 7.60
CA LEU A 48 23.74 -28.19 6.57
C LEU A 48 24.00 -29.33 5.59
N LEU A 49 23.42 -29.25 4.40
CA LEU A 49 23.63 -30.21 3.28
C LEU A 49 24.47 -29.57 2.18
N GLY A 50 25.28 -30.38 1.48
CA GLY A 50 26.13 -30.01 0.33
C GLY A 50 27.43 -29.32 0.73
N PHE A 51 27.74 -29.23 2.03
CA PHE A 51 28.91 -28.48 2.58
C PHE A 51 30.24 -29.24 2.37
N GLN A 52 30.17 -30.53 2.07
CA GLN A 52 31.39 -31.37 1.90
C GLN A 52 31.83 -31.24 0.43
N LEU A 53 32.60 -30.20 0.10
CA LEU A 53 32.91 -29.93 -1.32
C LEU A 53 34.02 -30.84 -1.80
N PRO A 54 33.97 -31.30 -3.06
CA PRO A 54 35.08 -32.05 -3.64
C PRO A 54 36.27 -31.13 -3.86
N PRO A 55 37.48 -31.65 -4.18
CA PRO A 55 38.65 -30.78 -4.36
C PRO A 55 38.57 -29.87 -5.60
N LEU A 56 37.79 -30.25 -6.62
CA LEU A 56 37.44 -29.42 -7.82
C LEU A 56 35.93 -29.36 -8.03
N PRO A 57 35.37 -28.22 -8.50
CA PRO A 57 36.15 -27.00 -8.75
C PRO A 57 36.87 -26.31 -7.58
N GLU A 58 37.90 -25.52 -7.87
CA GLU A 58 38.62 -24.68 -6.88
C GLU A 58 37.72 -23.50 -6.47
N LEU A 59 38.00 -22.88 -5.32
CA LEU A 59 37.24 -21.74 -4.73
C LEU A 59 38.10 -20.47 -4.70
N ARG A 60 37.47 -19.33 -4.99
CA ARG A 60 38.16 -18.02 -4.90
C ARG A 60 38.39 -17.73 -3.42
N LEU A 61 39.63 -17.48 -3.02
CA LEU A 61 39.93 -16.89 -1.69
C LEU A 61 40.62 -15.54 -1.92
N ARG A 62 40.13 -14.49 -1.25
CA ARG A 62 40.41 -13.08 -1.62
C ARG A 62 40.69 -12.29 -0.35
N ASN A 63 41.74 -11.46 -0.36
CA ASN A 63 41.99 -10.35 0.60
C ASN A 63 41.22 -9.12 0.10
N ASN A 64 40.06 -8.81 0.69
CA ASN A 64 39.17 -7.70 0.25
C ASN A 64 39.41 -6.47 1.12
N GLY A 65 40.49 -6.49 1.91
CA GLY A 65 40.96 -5.36 2.74
C GLY A 65 40.30 -5.31 4.10
N HIS A 66 39.10 -5.86 4.25
CA HIS A 66 38.33 -5.86 5.53
C HIS A 66 38.40 -7.25 6.19
N SER A 67 38.63 -8.31 5.40
CA SER A 67 38.72 -9.71 5.88
C SER A 67 39.39 -10.55 4.79
N VAL A 68 39.51 -11.85 5.04
CA VAL A 68 39.77 -12.87 3.98
C VAL A 68 38.45 -13.60 3.77
N GLN A 69 38.09 -13.79 2.51
CA GLN A 69 36.74 -14.20 2.10
C GLN A 69 36.90 -15.31 1.08
N LEU A 70 36.27 -16.44 1.41
CA LEU A 70 36.15 -17.62 0.55
C LEU A 70 34.77 -17.57 -0.13
N THR A 71 34.73 -17.68 -1.44
CA THR A 71 33.44 -17.70 -2.17
C THR A 71 32.99 -19.14 -2.19
N LEU A 72 31.72 -19.39 -1.89
CA LEU A 72 31.14 -20.75 -1.87
C LEU A 72 30.30 -20.95 -3.11
N PRO A 73 30.34 -22.16 -3.70
CA PRO A 73 29.59 -22.42 -4.92
C PRO A 73 28.12 -22.58 -4.62
N PRO A 74 27.33 -22.79 -5.64
CA PRO A 74 25.92 -23.08 -5.40
C PRO A 74 25.77 -24.50 -4.81
N GLY A 75 24.75 -24.74 -4.00
CA GLY A 75 24.54 -26.13 -3.52
C GLY A 75 24.71 -26.32 -2.03
N LEU A 76 25.10 -25.29 -1.31
CA LEU A 76 25.21 -25.42 0.16
C LEU A 76 23.88 -24.97 0.75
N GLU A 77 23.04 -25.92 1.11
CA GLU A 77 21.66 -25.67 1.61
C GLU A 77 21.68 -25.77 3.14
N MET A 78 20.95 -24.89 3.82
CA MET A 78 20.98 -24.73 5.30
C MET A 78 19.57 -24.39 5.77
N ALA A 79 19.14 -24.96 6.90
CA ALA A 79 17.78 -24.76 7.47
C ALA A 79 17.92 -24.37 8.94
N LEU A 80 17.27 -23.28 9.37
CA LEU A 80 17.17 -22.85 10.80
C LEU A 80 15.94 -23.52 11.44
N GLY A 81 15.02 -24.01 10.62
CA GLY A 81 13.77 -24.59 11.07
C GLY A 81 12.99 -25.07 9.87
N PRO A 82 11.73 -25.89 9.98
CA PRO A 82 11.01 -26.41 8.82
C PRO A 82 10.53 -25.29 7.85
N GLY A 83 10.90 -25.40 6.58
CA GLY A 83 10.52 -24.41 5.54
C GLY A 83 11.31 -23.12 5.62
N ARG A 84 12.27 -23.02 6.52
CA ARG A 84 13.11 -21.83 6.75
C ARG A 84 14.51 -22.11 6.22
N GLU A 85 14.66 -22.14 4.89
CA GLU A 85 15.91 -22.59 4.21
C GLU A 85 16.70 -21.43 3.61
N TYR A 86 18.00 -21.71 3.37
CA TYR A 86 19.09 -20.76 3.07
C TYR A 86 20.12 -21.42 2.17
N ARG A 87 20.87 -20.66 1.39
CA ARG A 87 22.03 -21.16 0.61
C ARG A 87 23.26 -20.36 1.04
N ALA A 88 24.39 -21.00 1.24
CA ALA A 88 25.63 -20.32 1.68
C ALA A 88 26.24 -19.59 0.48
N LEU A 89 26.73 -18.39 0.71
CA LEU A 89 27.33 -17.48 -0.31
C LEU A 89 28.85 -17.45 -0.17
N GLN A 90 29.31 -17.25 1.05
CA GLN A 90 30.71 -16.88 1.33
C GLN A 90 30.96 -17.10 2.82
N LEU A 91 32.22 -17.21 3.18
CA LEU A 91 32.61 -17.08 4.59
C LEU A 91 33.85 -16.20 4.69
N HIS A 92 34.04 -15.65 5.88
CA HIS A 92 35.14 -14.72 6.16
C HIS A 92 35.38 -14.73 7.68
N LEU A 93 36.42 -14.05 8.13
CA LEU A 93 36.85 -14.11 9.56
C LEU A 93 37.06 -12.69 10.10
N HIS A 94 36.93 -12.58 11.42
CA HIS A 94 37.32 -11.41 12.24
C HIS A 94 38.34 -11.91 13.28
N TRP A 95 39.36 -11.12 13.57
CA TRP A 95 40.48 -11.51 14.44
C TRP A 95 41.20 -10.28 14.99
N GLY A 96 42.06 -10.48 15.99
CA GLY A 96 42.72 -9.39 16.74
C GLY A 96 44.13 -9.18 16.25
N ALA A 97 45.10 -9.14 17.16
CA ALA A 97 46.53 -9.14 16.80
C ALA A 97 47.35 -9.77 17.92
N ALA A 98 48.64 -9.95 17.66
CA ALA A 98 49.68 -10.03 18.71
C ALA A 98 49.04 -9.74 20.07
N GLY A 99 48.50 -10.75 20.75
CA GLY A 99 48.03 -10.68 22.15
C GLY A 99 46.65 -10.04 22.35
N ARG A 100 46.04 -9.46 21.32
CA ARG A 100 44.68 -8.86 21.49
C ARG A 100 43.67 -9.82 20.83
N PRO A 101 42.61 -10.25 21.55
CA PRO A 101 41.55 -11.07 20.96
C PRO A 101 40.74 -10.19 19.99
N GLY A 102 40.11 -10.79 18.98
CA GLY A 102 39.47 -10.03 17.88
C GLY A 102 38.15 -10.61 17.44
N SER A 103 37.42 -11.30 18.31
CA SER A 103 36.09 -11.84 17.97
C SER A 103 35.13 -10.64 17.88
N GLU A 104 34.00 -10.77 17.17
CA GLU A 104 32.94 -9.73 17.12
C GLU A 104 31.98 -9.94 18.28
N HIS A 105 31.32 -11.09 18.33
CA HIS A 105 30.45 -11.40 19.48
C HIS A 105 31.35 -11.62 20.71
N THR A 106 30.79 -11.44 21.90
CA THR A 106 31.47 -11.59 23.20
C THR A 106 30.47 -12.34 24.08
N VAL A 107 30.98 -13.13 25.04
CA VAL A 107 30.16 -13.86 26.04
C VAL A 107 30.54 -13.35 27.42
N GLU A 108 29.52 -12.91 28.17
CA GLU A 108 29.64 -12.25 29.50
C GLU A 108 30.88 -11.32 29.52
N GLY A 109 31.13 -10.58 28.43
CA GLY A 109 32.25 -9.62 28.30
C GLY A 109 33.50 -10.24 27.68
N HIS A 110 33.68 -11.56 27.77
CA HIS A 110 34.87 -12.26 27.21
C HIS A 110 34.87 -12.17 25.69
N ARG A 111 35.91 -11.57 25.11
CA ARG A 111 36.23 -11.59 23.67
C ARG A 111 37.13 -12.80 23.41
N PHE A 112 36.91 -13.54 22.31
CA PHE A 112 37.73 -14.71 21.92
C PHE A 112 38.71 -14.31 20.84
N PRO A 113 39.77 -15.08 20.59
CA PRO A 113 40.79 -14.64 19.65
C PRO A 113 40.24 -14.30 18.26
N ALA A 114 39.28 -15.07 17.77
CA ALA A 114 38.76 -14.96 16.39
C ALA A 114 37.32 -15.47 16.26
N GLU A 115 36.73 -15.32 15.08
CA GLU A 115 35.29 -15.57 14.79
C GLU A 115 35.15 -15.87 13.31
N ILE A 116 34.41 -16.92 12.99
CA ILE A 116 34.11 -17.27 11.58
C ILE A 116 32.65 -16.96 11.32
N HIS A 117 32.36 -16.33 10.21
CA HIS A 117 30.99 -15.99 9.78
C HIS A 117 30.78 -16.69 8.46
N VAL A 118 29.73 -17.51 8.39
CA VAL A 118 29.27 -18.17 7.15
C VAL A 118 27.96 -17.51 6.78
N VAL A 119 27.97 -16.78 5.67
CA VAL A 119 26.89 -15.83 5.31
C VAL A 119 26.00 -16.56 4.33
N HIS A 120 24.69 -16.59 4.61
CA HIS A 120 23.68 -17.30 3.79
C HIS A 120 22.58 -16.35 3.33
N LEU A 121 21.95 -16.69 2.20
CA LEU A 121 20.77 -16.03 1.58
C LEU A 121 19.53 -16.93 1.75
N SER A 122 18.42 -16.41 2.25
CA SER A 122 17.12 -17.11 2.23
C SER A 122 16.80 -17.49 0.78
N THR A 123 16.22 -18.65 0.55
CA THR A 123 15.88 -19.20 -0.79
C THR A 123 14.64 -18.49 -1.33
N ALA A 124 13.84 -17.61 -0.17
CA ALA A 124 12.70 -16.82 -0.67
C ALA A 124 13.14 -15.60 -1.50
N PHE A 125 14.44 -15.28 -1.57
CA PHE A 125 14.99 -14.14 -2.37
C PHE A 125 15.98 -14.65 -3.42
N ALA A 126 15.91 -14.17 -4.66
CA ALA A 126 16.83 -14.57 -5.76
C ALA A 126 18.21 -13.93 -5.58
N ARG A 127 18.28 -12.75 -4.96
CA ARG A 127 19.50 -11.91 -4.92
C ARG A 127 19.72 -11.38 -3.51
N VAL A 128 20.98 -11.18 -3.13
CA VAL A 128 21.35 -10.65 -1.80
C VAL A 128 20.72 -9.29 -1.62
N ASP A 129 20.76 -8.47 -2.67
CA ASP A 129 20.37 -7.03 -2.55
C ASP A 129 18.88 -6.92 -2.21
N GLU A 130 18.04 -7.83 -2.69
CA GLU A 130 16.61 -7.93 -2.30
C GLU A 130 16.48 -8.35 -0.82
N ALA A 131 17.40 -9.15 -0.29
CA ALA A 131 17.29 -9.69 1.07
C ALA A 131 17.75 -8.66 2.11
N LEU A 132 18.67 -7.78 1.72
CA LEU A 132 19.25 -6.77 2.66
C LEU A 132 18.12 -5.97 3.27
N GLY A 133 18.06 -5.85 4.60
CA GLY A 133 17.06 -5.07 5.34
C GLY A 133 15.76 -5.83 5.53
N ARG A 134 15.56 -6.93 4.84
CA ARG A 134 14.33 -7.74 5.01
C ARG A 134 14.58 -8.74 6.15
N PRO A 135 13.57 -8.99 7.00
CA PRO A 135 13.72 -9.89 8.13
C PRO A 135 13.94 -11.34 7.69
N GLY A 136 15.03 -11.95 8.14
CA GLY A 136 15.40 -13.34 7.80
C GLY A 136 15.98 -13.42 6.41
N GLY A 137 16.20 -12.30 5.75
CA GLY A 137 16.69 -12.34 4.37
C GLY A 137 18.05 -12.97 4.31
N LEU A 138 18.89 -12.61 5.27
CA LEU A 138 20.26 -13.12 5.41
C LEU A 138 20.34 -13.80 6.77
N ALA A 139 21.10 -14.90 6.83
CA ALA A 139 21.44 -15.67 8.04
C ALA A 139 22.94 -15.97 8.07
N VAL A 140 23.53 -15.68 9.23
CA VAL A 140 24.97 -15.94 9.52
C VAL A 140 25.08 -17.05 10.57
N LEU A 141 25.89 -18.07 10.26
CA LEU A 141 26.37 -19.07 11.24
C LEU A 141 27.71 -18.55 11.71
N ALA A 142 27.79 -18.29 13.02
CA ALA A 142 29.00 -17.75 13.67
C ALA A 142 29.52 -18.70 14.76
N ALA A 143 30.83 -18.92 14.74
CA ALA A 143 31.59 -19.74 15.72
C ALA A 143 32.84 -18.99 16.17
N PHE A 144 33.04 -18.90 17.48
CA PHE A 144 34.30 -18.47 18.12
C PHE A 144 35.40 -19.45 17.82
N LEU A 145 36.56 -18.95 17.37
CA LEU A 145 37.85 -19.67 17.31
C LEU A 145 38.65 -19.29 18.55
N GLU A 146 39.08 -20.28 19.37
CA GLU A 146 40.00 -20.06 20.53
C GLU A 146 41.26 -20.93 20.43
N GLU A 147 42.21 -20.67 21.33
CA GLU A 147 43.51 -21.39 21.40
C GLU A 147 43.31 -22.81 21.95
N GLY A 148 43.84 -23.81 21.24
CA GLY A 148 44.03 -25.18 21.74
C GLY A 148 45.40 -25.70 21.38
N PRO A 149 45.76 -26.94 21.82
CA PRO A 149 47.09 -27.50 21.59
C PRO A 149 47.44 -28.03 20.18
N GLU A 150 46.45 -28.47 19.38
CA GLU A 150 46.73 -29.12 18.07
C GLU A 150 46.50 -28.16 16.89
N GLU A 151 47.31 -28.32 15.84
CA GLU A 151 47.03 -27.80 14.48
C GLU A 151 45.59 -28.22 14.12
N ASN A 152 44.78 -27.30 13.58
CA ASN A 152 43.44 -27.57 13.02
C ASN A 152 43.57 -27.85 11.51
N SER A 153 43.23 -29.06 11.10
CA SER A 153 43.39 -29.54 9.71
C SER A 153 42.50 -28.70 8.77
N ALA A 154 41.28 -28.37 9.20
CA ALA A 154 40.29 -27.70 8.32
C ALA A 154 40.78 -26.27 8.04
N TYR A 155 41.14 -25.56 9.09
CA TYR A 155 41.62 -24.16 9.03
C TYR A 155 42.97 -24.10 8.33
N GLU A 156 43.80 -25.14 8.41
CA GLU A 156 45.15 -25.12 7.78
C GLU A 156 44.99 -24.93 6.26
N GLN A 157 43.91 -25.41 5.68
CA GLN A 157 43.69 -25.32 4.22
C GLN A 157 43.61 -23.84 3.81
N LEU A 158 43.10 -22.96 4.69
CA LEU A 158 42.94 -21.52 4.41
C LEU A 158 44.20 -20.77 4.86
N LEU A 159 44.68 -21.03 6.08
CA LEU A 159 45.71 -20.20 6.74
C LEU A 159 47.07 -20.28 6.02
N SER A 160 47.28 -21.38 5.32
CA SER A 160 48.52 -21.69 4.59
C SER A 160 48.48 -20.93 3.25
N ARG A 161 47.32 -20.45 2.84
CA ARG A 161 47.20 -19.76 1.54
C ARG A 161 47.22 -18.24 1.75
N LEU A 162 47.15 -17.77 3.00
CA LEU A 162 47.11 -16.31 3.32
C LEU A 162 48.37 -15.64 2.77
N GLU A 163 49.50 -16.33 2.86
CA GLU A 163 50.82 -15.93 2.30
C GLU A 163 50.61 -15.31 0.92
N GLU A 164 49.95 -16.03 0.01
CA GLU A 164 49.87 -15.75 -1.45
C GLU A 164 48.95 -14.56 -1.74
N ILE A 165 48.23 -14.06 -0.72
CA ILE A 165 47.21 -12.98 -0.89
C ILE A 165 47.39 -11.92 0.21
N ALA A 166 48.63 -11.66 0.64
CA ALA A 166 48.91 -10.73 1.77
C ALA A 166 48.56 -9.28 1.40
N GLU A 167 48.64 -8.94 0.11
CA GLU A 167 48.41 -7.57 -0.38
C GLU A 167 46.89 -7.33 -0.50
N GLU A 168 46.38 -6.23 0.06
CA GLU A 168 44.97 -5.80 -0.11
C GLU A 168 44.62 -5.95 -1.60
N GLY A 169 43.50 -6.61 -1.93
CA GLY A 169 43.03 -6.80 -3.32
C GLY A 169 43.49 -8.09 -3.98
N SER A 170 44.54 -8.76 -3.49
CA SER A 170 45.02 -10.03 -4.10
C SER A 170 44.05 -11.17 -3.77
N GLU A 171 43.93 -12.11 -4.70
CA GLU A 171 43.11 -13.33 -4.56
C GLU A 171 43.90 -14.55 -5.06
N THR A 172 43.42 -15.75 -4.73
CA THR A 172 43.99 -17.04 -5.17
C THR A 172 42.87 -18.08 -5.26
N GLN A 173 43.03 -19.09 -6.10
CA GLN A 173 42.16 -20.30 -6.14
C GLN A 173 42.68 -21.30 -5.09
N VAL A 174 41.79 -22.00 -4.38
CA VAL A 174 42.17 -23.07 -3.40
C VAL A 174 41.36 -24.31 -3.71
N PRO A 175 41.86 -25.52 -3.37
CA PRO A 175 41.09 -26.75 -3.53
C PRO A 175 39.79 -26.66 -2.72
N GLY A 176 38.73 -27.29 -3.23
CA GLY A 176 37.49 -27.55 -2.48
C GLY A 176 37.82 -28.18 -1.15
N LEU A 177 37.10 -27.78 -0.11
CA LEU A 177 37.27 -28.38 1.22
C LEU A 177 35.90 -28.65 1.79
N ASP A 178 35.87 -29.33 2.92
CA ASP A 178 34.62 -29.59 3.66
C ASP A 178 34.38 -28.36 4.53
N ILE A 179 33.35 -27.59 4.18
CA ILE A 179 33.06 -26.31 4.89
C ILE A 179 32.49 -26.67 6.28
N SER A 180 31.72 -27.76 6.41
CA SER A 180 31.11 -28.18 7.70
C SER A 180 32.21 -28.51 8.72
N ALA A 181 33.41 -28.85 8.26
CA ALA A 181 34.55 -29.18 9.15
C ALA A 181 35.15 -27.93 9.84
N LEU A 182 34.74 -26.70 9.48
CA LEU A 182 35.24 -25.43 10.12
C LEU A 182 34.36 -25.01 11.27
N LEU A 183 33.23 -25.67 11.44
CA LEU A 183 32.23 -25.37 12.47
C LEU A 183 32.34 -26.35 13.63
N PRO A 184 31.84 -25.94 14.81
CA PRO A 184 31.79 -26.76 16.01
C PRO A 184 31.06 -28.08 15.87
N SER A 185 31.14 -28.86 16.95
CA SER A 185 30.74 -30.29 17.00
C SER A 185 29.21 -30.43 17.06
N ASP A 186 28.59 -29.67 17.96
CA ASP A 186 27.16 -29.87 18.28
C ASP A 186 26.31 -28.76 17.67
N PHE A 187 25.59 -29.10 16.59
CA PHE A 187 24.67 -28.26 15.79
C PHE A 187 23.32 -28.08 16.49
N SER A 188 23.14 -28.61 17.70
CA SER A 188 21.84 -28.50 18.43
C SER A 188 21.96 -27.39 19.45
N ARG A 189 23.17 -26.83 19.61
CA ARG A 189 23.56 -25.95 20.74
C ARG A 189 24.04 -24.60 20.21
N TYR A 190 23.17 -23.60 20.31
CA TYR A 190 23.42 -22.24 19.75
C TYR A 190 22.54 -21.20 20.43
N PHE A 191 23.06 -19.97 20.35
CA PHE A 191 22.33 -18.69 20.51
C PHE A 191 21.86 -18.18 19.13
N GLN A 192 20.71 -17.48 19.15
CA GLN A 192 20.04 -16.87 17.97
C GLN A 192 19.34 -15.57 18.38
N TYR A 193 19.49 -14.52 17.56
CA TYR A 193 18.83 -13.21 17.73
C TYR A 193 18.82 -12.51 16.36
N GLU A 194 17.91 -11.56 16.15
CA GLU A 194 17.85 -10.80 14.89
C GLU A 194 18.69 -9.54 15.08
N GLY A 195 19.52 -9.21 14.10
CA GLY A 195 20.53 -8.12 14.15
C GLY A 195 20.87 -7.64 12.76
N SER A 196 22.15 -7.37 12.50
CA SER A 196 22.59 -6.57 11.32
C SER A 196 23.84 -7.17 10.75
N LEU A 197 24.24 -6.76 9.54
CA LEU A 197 25.66 -6.77 9.13
C LEU A 197 26.46 -6.04 10.22
N THR A 198 27.69 -6.50 10.46
CA THR A 198 28.66 -5.91 11.41
C THR A 198 29.65 -5.03 10.63
N THR A 199 29.51 -5.02 9.31
CA THR A 199 30.17 -4.06 8.41
C THR A 199 29.11 -3.17 7.78
N PRO A 200 29.48 -1.96 7.35
CA PRO A 200 28.64 -1.18 6.46
C PRO A 200 28.26 -2.04 5.25
N PRO A 201 27.00 -1.92 4.74
CA PRO A 201 26.02 -0.94 5.22
C PRO A 201 25.14 -1.19 6.45
N CYS A 202 25.43 -2.18 7.28
CA CYS A 202 24.80 -2.37 8.63
C CYS A 202 23.31 -2.64 8.51
N ALA A 203 22.88 -3.18 7.36
CA ALA A 203 21.49 -3.59 7.03
C ALA A 203 20.96 -4.48 8.15
N GLN A 204 19.72 -4.28 8.60
CA GLN A 204 19.10 -5.09 9.67
C GLN A 204 18.30 -6.24 9.05
N GLY A 205 17.67 -7.07 9.88
CA GLY A 205 16.99 -8.31 9.48
C GLY A 205 17.89 -9.55 9.36
N VAL A 206 19.15 -9.49 9.77
CA VAL A 206 20.09 -10.64 9.71
C VAL A 206 19.81 -11.56 10.90
N ILE A 207 19.49 -12.83 10.65
CA ILE A 207 19.35 -13.83 11.73
C ILE A 207 20.74 -14.35 12.04
N TRP A 208 21.18 -14.01 13.24
CA TRP A 208 22.46 -14.47 13.83
C TRP A 208 22.25 -15.78 14.60
N THR A 209 23.02 -16.80 14.24
CA THR A 209 23.09 -18.08 15.00
C THR A 209 24.52 -18.21 15.49
N VAL A 210 24.74 -18.14 16.81
CA VAL A 210 26.12 -18.29 17.38
C VAL A 210 26.22 -19.64 18.12
N PHE A 211 27.08 -20.53 17.65
CA PHE A 211 27.36 -21.83 18.30
C PHE A 211 27.82 -21.60 19.75
N ASN A 212 27.22 -22.32 20.70
CA ASN A 212 27.71 -22.45 22.10
C ASN A 212 29.18 -22.89 22.08
N GLN A 213 29.46 -24.01 21.41
CA GLN A 213 30.82 -24.60 21.41
C GLN A 213 31.72 -23.82 20.47
N THR A 214 33.01 -23.80 20.76
CA THR A 214 34.06 -23.11 20.00
C THR A 214 34.83 -24.09 19.09
N VAL A 215 35.75 -23.57 18.31
CA VAL A 215 36.68 -24.39 17.48
C VAL A 215 38.07 -24.00 17.97
N MET A 216 38.99 -24.97 17.97
CA MET A 216 40.36 -24.79 18.49
C MET A 216 41.33 -24.67 17.31
N LEU A 217 42.16 -23.63 17.37
CA LEU A 217 43.30 -23.39 16.44
C LEU A 217 44.61 -23.34 17.27
N SER A 218 45.73 -23.76 16.67
CA SER A 218 47.05 -23.70 17.34
C SER A 218 47.41 -22.21 17.46
N ALA A 219 48.19 -21.85 18.47
CA ALA A 219 48.61 -20.46 18.65
C ALA A 219 49.44 -20.04 17.43
N LYS A 220 50.13 -21.00 16.75
CA LYS A 220 50.85 -20.71 15.49
C LYS A 220 49.82 -20.19 14.49
N GLN A 221 48.68 -20.89 14.41
CA GLN A 221 47.64 -20.70 13.36
C GLN A 221 46.96 -19.33 13.49
N LEU A 222 46.50 -19.01 14.69
CA LEU A 222 45.97 -17.67 15.05
C LEU A 222 47.00 -16.62 14.64
N HIS A 223 48.25 -16.81 15.04
CA HIS A 223 49.36 -15.90 14.66
C HIS A 223 49.37 -15.77 13.13
N THR A 224 49.39 -16.86 12.36
CA THR A 224 49.40 -16.82 10.87
C THR A 224 48.24 -15.89 10.41
N LEU A 225 47.07 -16.02 11.04
CA LEU A 225 45.80 -15.35 10.65
C LEU A 225 45.89 -13.84 10.93
N SER A 226 46.41 -13.44 12.08
CA SER A 226 46.44 -12.03 12.55
C SER A 226 47.63 -11.28 11.94
N ASP A 227 48.65 -11.96 11.44
CA ASP A 227 49.97 -11.32 11.18
C ASP A 227 50.38 -11.49 9.72
N THR A 228 49.59 -12.13 8.84
CA THR A 228 49.99 -12.37 7.42
C THR A 228 49.42 -11.29 6.48
N LEU A 229 48.24 -10.72 6.78
CA LEU A 229 47.47 -9.95 5.76
C LEU A 229 47.67 -8.44 5.91
N TRP A 230 47.70 -7.71 4.77
CA TRP A 230 47.85 -6.22 4.71
C TRP A 230 46.52 -5.56 4.32
N GLY A 231 46.16 -4.47 5.02
CA GLY A 231 44.82 -3.86 5.05
C GLY A 231 44.68 -2.59 4.20
N PRO A 232 43.88 -1.64 4.65
CA PRO A 232 43.82 -0.42 3.86
C PRO A 232 45.09 0.35 4.18
N GLY A 233 45.80 0.84 3.17
CA GLY A 233 47.02 1.64 3.40
C GLY A 233 48.24 0.78 3.60
N ASP A 234 49.34 1.37 4.07
CA ASP A 234 50.59 0.61 4.30
C ASP A 234 50.56 0.09 5.74
N SER A 235 49.38 -0.35 6.23
CA SER A 235 49.14 -0.84 7.62
C SER A 235 48.47 -2.23 7.59
N ARG A 236 48.59 -2.98 8.69
CA ARG A 236 48.29 -4.45 8.75
C ARG A 236 46.77 -4.66 8.83
N LEU A 237 46.28 -5.79 8.31
CA LEU A 237 44.86 -6.21 8.44
C LEU A 237 44.68 -6.93 9.77
N GLN A 238 44.22 -6.19 10.77
CA GLN A 238 44.13 -6.64 12.18
C GLN A 238 42.94 -5.97 12.84
N LEU A 239 42.53 -6.48 13.99
CA LEU A 239 41.44 -5.90 14.83
C LEU A 239 40.23 -5.52 13.95
N ASN A 240 39.90 -6.39 12.98
CA ASN A 240 38.82 -6.23 11.96
C ASN A 240 37.49 -6.69 12.58
N PHE A 241 37.17 -6.17 13.76
CA PHE A 241 35.88 -6.41 14.45
C PHE A 241 35.23 -5.07 14.80
N ARG A 242 33.91 -5.10 14.97
CA ARG A 242 33.09 -3.96 15.42
C ARG A 242 32.86 -4.12 16.91
N ALA A 243 32.79 -3.02 17.66
CA ALA A 243 32.42 -3.00 19.08
C ALA A 243 31.07 -3.71 19.25
N THR A 244 30.83 -4.31 20.43
CA THR A 244 29.50 -4.79 20.89
C THR A 244 28.47 -3.65 20.76
N GLN A 245 27.22 -4.00 20.44
CA GLN A 245 26.08 -3.07 20.22
C GLN A 245 24.97 -3.41 21.20
N PRO A 246 24.18 -2.41 21.68
CA PRO A 246 23.09 -2.68 22.61
C PRO A 246 21.94 -3.53 22.07
N LEU A 247 21.40 -4.44 22.90
CA LEU A 247 20.32 -5.36 22.51
C LEU A 247 19.03 -4.56 22.28
N ASN A 248 18.87 -3.45 23.01
CA ASN A 248 17.70 -2.54 22.96
C ASN A 248 16.39 -3.32 23.07
N GLY A 249 16.22 -4.17 24.09
CA GLY A 249 14.98 -4.94 24.36
C GLY A 249 14.98 -6.33 23.73
N ARG A 250 15.84 -6.56 22.73
CA ARG A 250 16.07 -7.89 22.10
C ARG A 250 16.50 -8.92 23.16
N VAL A 251 15.77 -10.03 23.26
CA VAL A 251 16.15 -11.18 24.12
C VAL A 251 16.84 -12.21 23.23
N ILE A 252 18.11 -12.50 23.51
CA ILE A 252 18.91 -13.59 22.88
C ILE A 252 18.33 -14.93 23.29
N GLU A 253 18.01 -15.78 22.32
CA GLU A 253 17.42 -17.11 22.59
C GLU A 253 18.55 -18.15 22.60
N ALA A 254 18.32 -19.28 23.27
CA ALA A 254 19.23 -20.44 23.37
C ALA A 254 18.47 -21.70 22.98
N SER A 255 19.13 -22.60 22.27
CA SER A 255 18.60 -23.92 21.84
C SER A 255 18.70 -24.91 23.01
N PHE A 256 19.26 -24.49 24.14
CA PHE A 256 19.56 -25.39 25.29
C PHE A 256 19.28 -24.74 26.64
N PRO A 257 18.81 -25.55 27.61
CA PRO A 257 18.53 -25.08 28.97
C PRO A 257 19.84 -24.77 29.72
N TRP B 7 -33.46 8.52 8.93
CA TRP B 7 -33.21 10.02 8.95
C TRP B 7 -34.38 10.77 8.27
N ARG B 8 -34.43 12.08 8.51
CA ARG B 8 -35.52 12.99 8.10
C ARG B 8 -34.96 14.43 7.97
N TYR B 9 -35.65 15.24 7.17
CA TYR B 9 -35.57 16.72 7.20
C TYR B 9 -36.47 17.25 8.33
N GLY B 10 -35.99 18.21 9.14
CA GLY B 10 -36.71 18.76 10.29
C GLY B 10 -36.63 17.84 11.52
N GLY B 11 -37.37 16.72 11.51
CA GLY B 11 -37.35 15.68 12.56
C GLY B 11 -35.98 15.03 12.75
N ASP B 12 -35.26 15.35 13.85
CA ASP B 12 -33.87 14.88 14.12
C ASP B 12 -33.76 13.35 14.19
N PRO B 13 -32.71 12.78 13.59
CA PRO B 13 -31.37 12.54 14.17
C PRO B 13 -30.28 13.61 13.76
N PRO B 14 -29.88 14.73 14.64
CA PRO B 14 -29.09 15.32 13.52
C PRO B 14 -28.27 14.35 12.64
N TRP B 15 -27.83 14.78 11.43
CA TRP B 15 -27.18 13.84 10.48
C TRP B 15 -25.87 13.21 10.98
N PRO B 16 -24.91 13.98 11.47
CA PRO B 16 -23.64 13.33 11.86
C PRO B 16 -23.68 12.10 12.80
N ARG B 17 -24.85 11.71 13.30
CA ARG B 17 -25.07 10.49 14.15
C ARG B 17 -25.51 9.32 13.26
N VAL B 18 -26.43 9.56 12.32
CA VAL B 18 -26.77 8.54 11.27
C VAL B 18 -25.52 8.30 10.42
N SER B 19 -24.95 9.35 9.80
CA SER B 19 -23.66 9.20 9.09
C SER B 19 -22.69 10.31 9.48
N PRO B 20 -21.58 9.95 10.14
CA PRO B 20 -20.58 10.94 10.57
C PRO B 20 -19.94 11.64 9.36
N ALA B 21 -20.05 11.04 8.17
CA ALA B 21 -19.58 11.64 6.89
C ALA B 21 -20.31 12.98 6.63
N CYS B 22 -21.46 13.19 7.26
CA CYS B 22 -22.24 14.42 7.04
C CYS B 22 -21.49 15.59 7.69
N ALA B 23 -20.47 15.33 8.50
CA ALA B 23 -19.61 16.38 9.12
C ALA B 23 -18.27 16.45 8.39
N GLY B 24 -18.17 15.91 7.18
CA GLY B 24 -16.96 16.06 6.35
C GLY B 24 -16.66 17.53 6.00
N ARG B 25 -15.44 17.83 5.56
CA ARG B 25 -15.05 19.22 5.20
C ARG B 25 -15.60 19.66 3.83
N PHE B 26 -16.01 18.73 2.94
CA PHE B 26 -16.30 19.02 1.50
C PHE B 26 -17.68 18.50 1.11
N GLN B 27 -18.71 19.12 1.71
CA GLN B 27 -20.13 18.75 1.59
C GLN B 27 -20.84 19.66 0.57
N SER B 28 -22.01 19.22 0.22
CA SER B 28 -23.02 19.88 -0.64
C SER B 28 -24.34 19.94 0.11
N PRO B 29 -25.23 20.90 -0.18
CA PRO B 29 -24.96 21.96 -1.16
C PRO B 29 -24.14 23.15 -0.67
N VAL B 30 -23.88 24.09 -1.56
CA VAL B 30 -23.09 25.33 -1.28
C VAL B 30 -23.78 26.53 -1.93
N ASP B 31 -23.40 27.71 -1.45
CA ASP B 31 -23.88 28.98 -2.00
C ASP B 31 -22.97 29.30 -3.18
N ILE B 32 -23.53 29.49 -4.35
CA ILE B 32 -22.72 29.87 -5.55
C ILE B 32 -22.61 31.40 -5.58
N ARG B 33 -21.38 31.91 -5.66
CA ARG B 33 -21.07 33.35 -5.84
C ARG B 33 -20.39 33.53 -7.18
N PRO B 34 -21.15 33.81 -8.27
CA PRO B 34 -20.59 33.84 -9.63
C PRO B 34 -19.33 34.70 -9.75
N GLN B 35 -19.25 35.83 -9.05
CA GLN B 35 -18.08 36.73 -9.19
C GLN B 35 -16.83 36.04 -8.66
N LEU B 36 -16.95 35.10 -7.73
CA LEU B 36 -15.79 34.36 -7.16
C LEU B 36 -15.53 33.03 -7.87
N ALA B 37 -16.33 32.72 -8.89
CA ALA B 37 -16.16 31.49 -9.69
C ALA B 37 -14.92 31.66 -10.60
N ALA B 38 -14.12 30.61 -10.75
CA ALA B 38 -12.95 30.54 -11.64
C ALA B 38 -13.38 30.11 -13.05
N PHE B 39 -13.30 31.01 -14.01
CA PHE B 39 -13.52 30.74 -15.44
C PHE B 39 -12.44 29.77 -15.87
N SER B 40 -12.77 28.56 -16.33
CA SER B 40 -11.79 27.72 -17.06
C SER B 40 -12.36 27.41 -18.42
N PRO B 41 -11.69 27.86 -19.50
CA PRO B 41 -12.11 27.48 -20.86
C PRO B 41 -11.92 25.98 -21.12
N ALA B 42 -11.38 25.21 -20.18
CA ALA B 42 -11.25 23.75 -20.33
C ALA B 42 -12.64 23.10 -20.22
N LEU B 43 -13.58 23.71 -19.49
CA LEU B 43 -14.96 23.18 -19.30
C LEU B 43 -15.79 23.29 -20.59
N ARG B 44 -15.99 22.17 -21.27
CA ARG B 44 -16.66 22.16 -22.61
C ARG B 44 -18.15 21.97 -22.39
N PRO B 45 -19.00 22.21 -23.41
CA PRO B 45 -20.44 21.99 -23.27
C PRO B 45 -20.74 20.52 -22.86
N LEU B 46 -21.66 20.31 -21.92
CA LEU B 46 -22.11 18.97 -21.47
C LEU B 46 -22.62 18.19 -22.70
N GLU B 47 -22.28 16.93 -22.78
CA GLU B 47 -22.78 16.00 -23.81
C GLU B 47 -23.77 15.03 -23.14
N LEU B 48 -25.05 15.11 -23.51
CA LEU B 48 -26.10 14.17 -23.03
C LEU B 48 -26.72 13.45 -24.23
N LEU B 49 -26.37 12.18 -24.43
CA LEU B 49 -26.94 11.35 -25.52
C LEU B 49 -27.80 10.21 -24.95
N GLY B 50 -28.89 9.86 -25.65
CA GLY B 50 -29.76 8.75 -25.28
C GLY B 50 -30.84 9.21 -24.32
N PHE B 51 -31.01 10.53 -24.16
CA PHE B 51 -31.97 11.08 -23.16
C PHE B 51 -33.36 11.21 -23.75
N GLN B 52 -33.51 11.13 -25.09
CA GLN B 52 -34.85 11.23 -25.74
C GLN B 52 -35.52 9.84 -25.71
N LEU B 53 -36.26 9.53 -24.65
CA LEU B 53 -36.85 8.17 -24.42
C LEU B 53 -38.18 8.02 -25.14
N PRO B 54 -38.46 6.82 -25.70
CA PRO B 54 -39.71 6.58 -26.43
C PRO B 54 -40.76 6.37 -25.34
N PRO B 55 -42.07 6.44 -25.66
CA PRO B 55 -43.11 6.20 -24.65
C PRO B 55 -43.03 4.82 -23.97
N LEU B 56 -42.47 3.80 -24.64
CA LEU B 56 -42.37 2.46 -24.04
C LEU B 56 -40.93 1.98 -24.15
N PRO B 57 -40.33 1.33 -23.10
CA PRO B 57 -41.01 1.04 -21.83
C PRO B 57 -41.29 2.21 -20.89
N GLU B 58 -42.24 2.00 -19.98
CA GLU B 58 -42.62 2.96 -18.91
C GLU B 58 -41.48 3.03 -17.88
N LEU B 59 -41.49 4.05 -17.02
CA LEU B 59 -40.44 4.35 -16.01
C LEU B 59 -41.04 4.29 -14.60
N ARG B 60 -40.31 3.78 -13.62
CA ARG B 60 -40.78 3.80 -12.22
C ARG B 60 -40.62 5.22 -11.66
N LEU B 61 -41.72 5.78 -11.15
CA LEU B 61 -41.77 7.02 -10.34
C LEU B 61 -42.28 6.65 -8.96
N ARG B 62 -41.64 7.14 -7.92
CA ARG B 62 -41.75 6.56 -6.58
C ARG B 62 -41.57 7.70 -5.58
N ASN B 63 -42.42 7.71 -4.56
CA ASN B 63 -42.29 8.62 -3.41
C ASN B 63 -41.55 7.80 -2.37
N ASN B 64 -40.29 8.13 -2.08
CA ASN B 64 -39.45 7.35 -1.13
C ASN B 64 -39.47 8.06 0.23
N GLY B 65 -40.39 9.02 0.44
CA GLY B 65 -40.51 9.79 1.71
C GLY B 65 -39.48 10.91 1.85
N HIS B 66 -38.48 11.00 0.96
CA HIS B 66 -37.42 12.04 0.97
C HIS B 66 -37.53 12.91 -0.30
N SER B 67 -38.07 12.34 -1.37
CA SER B 67 -38.25 13.04 -2.67
C SER B 67 -39.19 12.19 -3.52
N VAL B 68 -39.50 12.67 -4.72
CA VAL B 68 -40.12 11.85 -5.80
C VAL B 68 -38.95 11.44 -6.70
N GLN B 69 -38.80 10.15 -6.99
CA GLN B 69 -37.66 9.63 -7.77
C GLN B 69 -38.14 8.90 -9.03
N LEU B 70 -37.68 9.37 -10.18
CA LEU B 70 -37.81 8.67 -11.47
C LEU B 70 -36.56 7.86 -11.71
N THR B 71 -36.74 6.56 -11.82
CA THR B 71 -35.70 5.59 -12.19
C THR B 71 -35.47 5.70 -13.70
N LEU B 72 -34.23 5.72 -14.13
CA LEU B 72 -33.89 5.88 -15.55
C LEU B 72 -33.32 4.58 -16.09
N PRO B 73 -33.64 4.21 -17.34
CA PRO B 73 -33.11 2.98 -17.88
C PRO B 73 -31.66 3.14 -18.31
N PRO B 74 -31.04 2.04 -18.74
CA PRO B 74 -29.75 2.09 -19.40
C PRO B 74 -29.85 2.82 -20.74
N GLY B 75 -28.35 3.47 -21.06
CA GLY B 75 -28.38 4.17 -22.35
C GLY B 75 -28.34 5.67 -22.23
N LEU B 76 -28.55 6.27 -21.06
CA LEU B 76 -28.45 7.76 -20.95
C LEU B 76 -26.99 8.07 -20.62
N GLU B 77 -26.24 8.47 -21.65
CA GLU B 77 -24.78 8.66 -21.61
C GLU B 77 -24.53 10.16 -21.45
N MET B 78 -23.55 10.51 -20.61
CA MET B 78 -23.20 11.91 -20.25
C MET B 78 -21.69 12.02 -20.05
N ALA B 79 -21.05 13.03 -20.65
CA ALA B 79 -19.63 13.38 -20.46
C ALA B 79 -19.48 14.81 -19.90
N LEU B 80 -18.57 14.95 -18.93
CA LEU B 80 -18.19 16.26 -18.32
C LEU B 80 -16.96 16.79 -19.06
N GLY B 81 -16.25 15.88 -19.71
CA GLY B 81 -15.14 16.15 -20.63
C GLY B 81 -14.98 14.96 -21.56
N PRO B 82 -13.37 15.13 -22.03
CA PRO B 82 -13.00 14.04 -22.92
C PRO B 82 -12.60 12.81 -22.09
N GLY B 83 -13.15 11.66 -22.43
CA GLY B 83 -12.97 10.40 -21.67
C GLY B 83 -13.56 10.42 -20.27
N ARG B 84 -14.47 11.37 -19.93
CA ARG B 84 -15.05 11.46 -18.58
C ARG B 84 -16.55 11.21 -18.68
N GLU B 85 -16.91 9.93 -18.73
CA GLU B 85 -18.28 9.51 -19.11
C GLU B 85 -18.99 8.88 -17.91
N TYR B 86 -20.31 8.99 -17.98
CA TYR B 86 -21.29 8.74 -16.91
C TYR B 86 -22.55 8.13 -17.54
N ARG B 87 -23.28 7.33 -16.78
CA ARG B 87 -24.60 6.81 -17.17
C ARG B 87 -25.58 7.33 -16.12
N ALA B 88 -26.70 7.88 -16.55
CA ALA B 88 -27.73 8.42 -15.64
C ALA B 88 -28.42 7.23 -14.96
N LEU B 89 -28.73 7.35 -13.68
CA LEU B 89 -29.38 6.28 -12.88
C LEU B 89 -30.84 6.66 -12.59
N GLN B 90 -31.05 7.88 -12.09
CA GLN B 90 -32.31 8.38 -11.49
C GLN B 90 -32.28 9.91 -11.55
N LEU B 91 -33.43 10.54 -11.49
CA LEU B 91 -33.55 11.98 -11.13
C LEU B 91 -34.55 12.10 -10.00
N HIS B 92 -34.41 13.14 -9.22
CA HIS B 92 -35.30 13.43 -8.08
C HIS B 92 -35.31 14.94 -7.88
N LEU B 93 -36.17 15.45 -7.00
CA LEU B 93 -36.32 16.92 -6.81
C LEU B 93 -36.26 17.26 -5.32
N HIS B 94 -36.03 18.55 -5.08
CA HIS B 94 -35.93 19.20 -3.75
C HIS B 94 -36.79 20.44 -3.93
N TRP B 95 -37.66 20.75 -2.96
CA TRP B 95 -38.73 21.79 -3.08
C TRP B 95 -39.04 22.32 -1.69
N GLY B 96 -39.78 23.44 -1.64
CA GLY B 96 -40.05 24.16 -0.37
C GLY B 96 -41.42 23.81 0.17
N ALA B 97 -42.18 24.82 0.59
CA ALA B 97 -43.63 24.73 0.91
C ALA B 97 -44.34 25.78 0.05
N ALA B 98 -45.64 25.97 0.26
CA ALA B 98 -46.39 27.09 -0.37
C ALA B 98 -45.77 28.41 0.12
N GLY B 99 -45.30 29.24 -0.83
CA GLY B 99 -44.66 30.55 -0.59
C GLY B 99 -43.42 30.43 0.28
N ARG B 100 -42.64 29.37 0.08
CA ARG B 100 -41.31 29.18 0.73
C ARG B 100 -40.42 28.42 -0.24
N PRO B 101 -39.26 28.99 -0.65
CA PRO B 101 -38.40 28.34 -1.65
C PRO B 101 -37.60 27.17 -1.06
N GLY B 102 -37.33 26.14 -1.88
CA GLY B 102 -36.70 24.88 -1.41
C GLY B 102 -35.61 24.29 -2.30
N SER B 103 -34.87 25.12 -3.05
CA SER B 103 -33.67 24.68 -3.77
C SER B 103 -32.60 24.31 -2.73
N GLU B 104 -31.62 23.50 -3.10
CA GLU B 104 -30.50 23.13 -2.20
C GLU B 104 -29.35 24.11 -2.39
N HIS B 105 -28.82 24.23 -3.62
CA HIS B 105 -27.85 25.30 -3.95
C HIS B 105 -28.58 26.64 -3.88
N THR B 106 -27.87 27.66 -3.43
CA THR B 106 -28.30 29.07 -3.45
C THR B 106 -27.37 29.82 -4.42
N VAL B 107 -27.87 30.93 -5.01
CA VAL B 107 -26.99 31.87 -5.76
C VAL B 107 -27.02 33.19 -4.98
N GLU B 108 -25.88 33.59 -4.42
CA GLU B 108 -25.73 34.86 -3.67
C GLU B 108 -26.80 34.91 -2.59
N GLY B 109 -27.10 33.78 -1.93
CA GLY B 109 -28.10 33.73 -0.84
C GLY B 109 -29.52 33.50 -1.34
N HIS B 110 -29.81 33.80 -2.60
CA HIS B 110 -31.15 33.54 -3.19
C HIS B 110 -31.41 32.02 -3.17
N ARG B 111 -32.55 31.61 -2.62
CA ARG B 111 -33.03 30.21 -2.68
C ARG B 111 -34.09 30.18 -3.76
N PHE B 112 -33.88 29.39 -4.80
CA PHE B 112 -34.87 29.22 -5.88
C PHE B 112 -35.98 28.35 -5.33
N PRO B 113 -37.17 28.35 -5.96
CA PRO B 113 -38.30 27.55 -5.51
C PRO B 113 -38.04 26.03 -5.40
N ALA B 114 -37.27 25.46 -6.34
CA ALA B 114 -36.99 24.01 -6.38
C ALA B 114 -35.75 23.70 -7.24
N GLU B 115 -35.31 22.45 -7.17
CA GLU B 115 -34.05 22.01 -7.79
C GLU B 115 -34.24 20.58 -8.21
N ILE B 116 -33.82 20.27 -9.43
CA ILE B 116 -33.78 18.90 -9.99
C ILE B 116 -32.33 18.44 -9.95
N HIS B 117 -32.13 17.17 -9.63
CA HIS B 117 -30.83 16.49 -9.57
C HIS B 117 -30.96 15.28 -10.44
N VAL B 118 -30.14 15.20 -11.49
CA VAL B 118 -30.02 13.99 -12.33
C VAL B 118 -28.72 13.29 -11.94
N VAL B 119 -28.81 12.12 -11.32
CA VAL B 119 -27.67 11.45 -10.66
C VAL B 119 -27.06 10.47 -11.63
N HIS B 120 -25.74 10.49 -11.77
CA HIS B 120 -25.02 9.63 -12.73
C HIS B 120 -23.92 8.83 -12.04
N LEU B 121 -23.54 7.71 -12.66
CA LEU B 121 -22.47 6.78 -12.25
C LEU B 121 -21.37 6.83 -13.30
N SER B 122 -20.12 7.04 -12.88
CA SER B 122 -18.92 6.99 -13.75
C SER B 122 -18.91 5.64 -14.45
N THR B 123 -18.58 5.58 -15.74
CA THR B 123 -18.54 4.30 -16.50
C THR B 123 -17.53 3.38 -15.81
N ALA B 124 -16.29 4.24 -15.04
CA ALA B 124 -15.18 3.41 -14.53
C ALA B 124 -15.62 2.57 -13.32
N PHE B 125 -16.86 2.67 -12.83
CA PHE B 125 -17.35 1.93 -11.65
C PHE B 125 -18.62 1.16 -12.03
N ALA B 126 -18.71 -0.13 -11.64
CA ALA B 126 -19.79 -1.05 -12.05
C ALA B 126 -20.99 -0.82 -11.15
N ARG B 127 -20.72 -0.37 -9.92
CA ARG B 127 -21.70 -0.26 -8.83
C ARG B 127 -21.58 1.11 -8.16
N VAL B 128 -22.72 1.66 -7.79
CA VAL B 128 -22.85 2.91 -7.02
C VAL B 128 -22.02 2.77 -5.75
N ASP B 129 -22.04 1.60 -5.10
CA ASP B 129 -21.42 1.45 -3.77
C ASP B 129 -19.89 1.48 -3.89
N GLU B 130 -19.29 1.15 -5.05
CA GLU B 130 -17.84 1.34 -5.28
C GLU B 130 -17.54 2.82 -5.57
N ALA B 131 -18.49 3.50 -6.18
CA ALA B 131 -18.34 4.93 -6.54
C ALA B 131 -18.53 5.84 -5.30
N LEU B 132 -19.35 5.48 -4.30
CA LEU B 132 -19.52 6.38 -3.13
C LEU B 132 -18.16 6.63 -2.49
N GLY B 133 -17.82 7.88 -2.23
CA GLY B 133 -16.59 8.29 -1.54
C GLY B 133 -15.42 8.38 -2.50
N ARG B 134 -15.58 8.01 -3.77
CA ARG B 134 -14.42 8.06 -4.70
C ARG B 134 -14.51 9.34 -5.52
N PRO B 135 -13.37 9.98 -5.87
CA PRO B 135 -13.41 11.22 -6.66
C PRO B 135 -14.00 10.92 -8.03
N GLY B 136 -15.05 11.68 -8.37
CA GLY B 136 -15.75 11.61 -9.66
C GLY B 136 -16.58 10.33 -9.82
N GLY B 137 -16.79 9.52 -8.78
CA GLY B 137 -17.55 8.28 -8.92
C GLY B 137 -18.98 8.54 -9.34
N LEU B 138 -19.63 9.50 -8.70
CA LEU B 138 -20.97 10.03 -9.01
C LEU B 138 -20.85 11.47 -9.55
N ALA B 139 -21.71 11.80 -10.50
CA ALA B 139 -21.86 13.18 -10.99
C ALA B 139 -23.34 13.49 -10.99
N VAL B 140 -23.67 14.68 -10.53
CA VAL B 140 -25.06 15.21 -10.56
C VAL B 140 -25.13 16.44 -11.47
N LEU B 141 -26.15 16.44 -12.35
CA LEU B 141 -26.56 17.63 -13.13
C LEU B 141 -27.69 18.25 -12.35
N ALA B 142 -27.52 19.52 -11.98
CA ALA B 142 -28.44 20.28 -11.14
C ALA B 142 -28.94 21.52 -11.88
N ALA B 143 -30.25 21.73 -11.87
CA ALA B 143 -30.94 22.92 -12.43
C ALA B 143 -31.94 23.43 -11.43
N PHE B 144 -32.02 24.75 -11.36
CA PHE B 144 -33.00 25.51 -10.54
C PHE B 144 -34.32 25.58 -11.30
N LEU B 145 -35.40 25.36 -10.58
CA LEU B 145 -36.78 25.59 -11.08
C LEU B 145 -37.24 26.92 -10.45
N GLU B 146 -37.65 27.91 -11.26
CA GLU B 146 -38.32 29.14 -10.72
C GLU B 146 -39.64 29.39 -11.44
N GLU B 147 -40.40 30.39 -10.96
CA GLU B 147 -41.77 30.70 -11.43
C GLU B 147 -41.69 31.48 -12.74
N GLY B 148 -42.47 31.05 -13.74
CA GLY B 148 -42.72 31.73 -15.02
C GLY B 148 -44.20 31.64 -15.39
N PRO B 149 -44.66 32.42 -16.39
CA PRO B 149 -46.09 32.49 -16.70
C PRO B 149 -46.59 31.20 -17.34
N GLU B 150 -45.75 30.52 -18.12
CA GLU B 150 -46.13 29.31 -18.90
C GLU B 150 -46.17 28.08 -17.99
N GLU B 151 -47.12 27.19 -18.26
CA GLU B 151 -47.22 25.81 -17.75
C GLU B 151 -46.14 25.00 -18.49
N ASN B 152 -45.21 24.34 -17.77
CA ASN B 152 -44.05 23.62 -18.35
C ASN B 152 -44.50 22.24 -18.86
N SER B 153 -44.22 21.92 -20.12
CA SER B 153 -44.70 20.67 -20.75
C SER B 153 -43.99 19.46 -20.13
N ALA B 154 -42.65 19.49 -20.15
CA ALA B 154 -41.80 18.37 -19.72
C ALA B 154 -42.18 18.01 -18.28
N TYR B 155 -42.30 19.01 -17.39
CA TYR B 155 -42.53 18.82 -15.95
C TYR B 155 -43.98 18.38 -15.68
N GLU B 156 -44.95 18.80 -16.50
CA GLU B 156 -46.36 18.31 -16.42
C GLU B 156 -46.38 16.78 -16.43
N GLN B 157 -45.60 16.10 -17.29
CA GLN B 157 -45.60 14.62 -17.38
C GLN B 157 -45.38 13.98 -16.00
N LEU B 158 -44.58 14.62 -15.13
CA LEU B 158 -44.22 14.08 -13.80
C LEU B 158 -45.15 14.63 -12.73
N LEU B 159 -45.46 15.92 -12.75
CA LEU B 159 -46.31 16.56 -11.70
C LEU B 159 -47.76 16.05 -11.83
N SER B 160 -48.25 15.86 -13.06
CA SER B 160 -49.62 15.29 -13.31
C SER B 160 -49.76 13.90 -12.66
N ARG B 161 -48.70 13.28 -12.12
CA ARG B 161 -48.72 11.87 -11.63
C ARG B 161 -48.46 11.79 -10.12
N LEU B 162 -48.21 12.92 -9.47
CA LEU B 162 -47.89 12.92 -8.02
C LEU B 162 -49.12 12.49 -7.22
N GLU B 163 -50.33 12.80 -7.68
CA GLU B 163 -51.52 12.50 -6.85
C GLU B 163 -51.59 10.98 -6.70
N GLU B 164 -51.20 10.23 -7.75
CA GLU B 164 -51.24 8.74 -7.76
C GLU B 164 -50.20 8.11 -6.81
N ILE B 165 -49.34 8.90 -6.15
CA ILE B 165 -48.24 8.39 -5.26
C ILE B 165 -48.06 9.28 -4.02
N ALA B 166 -49.12 9.92 -3.53
CA ALA B 166 -49.03 10.85 -2.38
C ALA B 166 -48.60 10.11 -1.10
N GLU B 167 -48.93 8.82 -0.99
CA GLU B 167 -48.57 7.98 0.18
C GLU B 167 -47.07 7.67 0.15
N GLU B 168 -46.36 8.05 1.22
CA GLU B 168 -45.00 7.58 1.50
C GLU B 168 -44.93 6.12 1.01
N GLY B 169 -43.89 5.76 0.28
CA GLY B 169 -43.55 4.37 -0.09
C GLY B 169 -44.27 3.94 -1.34
N SER B 170 -45.20 4.75 -1.85
CA SER B 170 -46.08 4.34 -2.98
C SER B 170 -45.38 4.65 -4.32
N GLU B 171 -45.80 4.01 -5.40
CA GLU B 171 -45.06 4.06 -6.69
C GLU B 171 -45.99 3.75 -7.87
N THR B 172 -45.75 4.37 -9.03
CA THR B 172 -46.55 4.23 -10.27
C THR B 172 -45.59 4.08 -11.45
N GLN B 173 -46.04 3.53 -12.58
CA GLN B 173 -45.32 3.54 -13.88
C GLN B 173 -45.78 4.78 -14.65
N VAL B 174 -44.89 5.42 -15.44
CA VAL B 174 -45.20 6.62 -16.27
C VAL B 174 -44.62 6.36 -17.64
N PRO B 175 -45.15 7.00 -18.71
CA PRO B 175 -44.65 6.78 -20.06
C PRO B 175 -43.22 7.31 -20.12
N GLY B 176 -42.42 6.80 -21.05
CA GLY B 176 -41.16 7.46 -21.50
C GLY B 176 -41.36 8.96 -21.67
N LEU B 177 -40.29 9.73 -21.51
CA LEU B 177 -40.31 11.19 -21.71
C LEU B 177 -38.89 11.63 -22.07
N ASP B 178 -38.74 12.83 -22.60
CA ASP B 178 -37.40 13.33 -22.99
C ASP B 178 -36.77 13.90 -21.72
N ILE B 179 -35.86 13.19 -21.08
CA ILE B 179 -35.29 13.61 -19.76
C ILE B 179 -34.57 14.96 -19.97
N SER B 180 -33.94 15.14 -21.15
CA SER B 180 -33.14 16.33 -21.51
C SER B 180 -34.03 17.59 -21.56
N ALA B 181 -35.31 17.43 -21.84
CA ALA B 181 -36.29 18.55 -21.86
C ALA B 181 -36.52 19.14 -20.46
N LEU B 182 -36.11 18.45 -19.40
CA LEU B 182 -36.27 18.94 -17.99
C LEU B 182 -35.16 19.92 -17.61
N LEU B 183 -34.20 20.13 -18.52
CA LEU B 183 -32.94 20.88 -18.28
C LEU B 183 -32.92 22.14 -19.13
N PRO B 184 -32.12 23.15 -18.69
CA PRO B 184 -32.13 24.49 -19.30
C PRO B 184 -31.55 24.51 -20.71
N SER B 185 -31.58 25.69 -21.31
CA SER B 185 -31.33 25.86 -22.76
C SER B 185 -29.84 25.59 -23.11
N ASP B 186 -28.90 26.16 -22.36
CA ASP B 186 -27.48 26.31 -22.79
C ASP B 186 -26.57 25.35 -22.04
N PHE B 187 -26.21 24.25 -22.67
CA PHE B 187 -25.36 23.17 -22.06
C PHE B 187 -23.90 23.63 -21.92
N SER B 188 -23.58 24.88 -22.30
CA SER B 188 -22.18 25.39 -22.28
C SER B 188 -21.96 26.33 -21.11
N ARG B 189 -23.02 26.60 -20.35
CA ARG B 189 -22.99 27.56 -19.23
C ARG B 189 -23.39 26.85 -17.93
N TYR B 190 -22.41 26.59 -17.09
CA TYR B 190 -22.59 25.88 -15.82
C TYR B 190 -21.46 26.28 -14.86
N PHE B 191 -21.74 26.03 -13.58
CA PHE B 191 -20.83 26.01 -12.43
C PHE B 191 -20.51 24.54 -12.12
N GLN B 192 -19.31 24.27 -11.60
CA GLN B 192 -18.85 22.91 -11.29
C GLN B 192 -17.97 22.99 -10.06
N TYR B 193 -18.17 22.08 -9.11
CA TYR B 193 -17.30 21.88 -7.93
C TYR B 193 -17.44 20.42 -7.49
N GLU B 194 -16.58 20.01 -6.58
CA GLU B 194 -16.67 18.67 -5.97
C GLU B 194 -17.22 18.76 -4.53
N GLY B 195 -18.24 17.95 -4.23
CA GLY B 195 -18.78 17.78 -2.87
C GLY B 195 -19.30 16.38 -2.58
N SER B 196 -20.51 16.30 -2.05
CA SER B 196 -21.09 15.14 -1.36
C SER B 196 -22.51 14.92 -1.84
N LEU B 197 -23.07 13.74 -1.58
CA LEU B 197 -24.55 13.60 -1.48
C LEU B 197 -25.07 14.69 -0.54
N THR B 198 -26.27 15.21 -0.82
CA THR B 198 -26.94 16.21 0.06
C THR B 198 -27.81 15.48 1.07
N THR B 199 -27.89 14.16 0.95
CA THR B 199 -28.59 13.28 1.93
C THR B 199 -27.55 12.37 2.55
N PRO B 200 -27.85 11.81 3.74
CA PRO B 200 -27.10 10.67 4.26
C PRO B 200 -26.99 9.62 3.17
N PRO B 201 -25.85 8.92 3.04
CA PRO B 201 -24.70 9.10 3.92
C PRO B 201 -23.65 10.19 3.62
N CYS B 202 -23.96 11.17 2.77
CA CYS B 202 -23.18 12.42 2.68
C CYS B 202 -21.78 12.07 2.15
N ALA B 203 -21.66 11.01 1.35
CA ALA B 203 -20.35 10.59 0.81
C ALA B 203 -19.81 11.71 -0.06
N GLN B 204 -18.50 11.95 0.03
CA GLN B 204 -17.72 12.93 -0.79
C GLN B 204 -17.24 12.33 -2.12
N GLY B 205 -16.68 13.19 -2.98
CA GLY B 205 -16.22 12.80 -4.33
C GLY B 205 -17.28 13.00 -5.40
N VAL B 206 -18.43 13.59 -5.07
CA VAL B 206 -19.52 13.89 -6.05
C VAL B 206 -19.12 15.13 -6.87
N ILE B 207 -19.07 15.01 -8.20
CA ILE B 207 -18.92 16.18 -9.10
C ILE B 207 -20.30 16.79 -9.31
N TRP B 208 -20.49 18.00 -8.79
CA TRP B 208 -21.70 18.83 -8.96
C TRP B 208 -21.53 19.74 -10.17
N THR B 209 -22.46 19.64 -11.11
CA THR B 209 -22.56 20.59 -12.23
C THR B 209 -23.91 21.27 -12.11
N VAL B 210 -23.90 22.60 -11.92
CA VAL B 210 -25.12 23.44 -11.72
C VAL B 210 -25.24 24.39 -12.90
N PHE B 211 -26.31 24.27 -13.68
CA PHE B 211 -26.60 25.16 -14.85
C PHE B 211 -26.70 26.62 -14.37
N ASN B 212 -26.17 27.59 -15.12
CA ASN B 212 -26.34 29.07 -14.91
C ASN B 212 -27.84 29.36 -15.09
N GLN B 213 -28.44 28.82 -16.17
CA GLN B 213 -29.84 29.10 -16.58
C GLN B 213 -30.81 28.23 -15.78
N THR B 214 -32.03 28.72 -15.61
CA THR B 214 -33.14 28.04 -14.87
C THR B 214 -34.12 27.42 -15.86
N VAL B 215 -34.99 26.55 -15.35
CA VAL B 215 -36.24 26.17 -16.03
C VAL B 215 -37.38 26.84 -15.27
N MET B 216 -38.46 27.14 -16.01
CA MET B 216 -39.65 27.86 -15.48
C MET B 216 -40.85 26.90 -15.37
N LEU B 217 -41.52 26.93 -14.22
CA LEU B 217 -42.77 26.17 -13.98
C LEU B 217 -43.85 27.20 -13.57
N SER B 218 -45.11 26.96 -13.93
CA SER B 218 -46.27 27.80 -13.49
C SER B 218 -46.36 27.69 -11.98
N ALA B 219 -46.89 28.72 -11.32
CA ALA B 219 -47.24 28.70 -9.87
C ALA B 219 -48.05 27.44 -9.53
N LYS B 220 -49.01 27.07 -10.38
CA LYS B 220 -49.87 25.86 -10.19
C LYS B 220 -48.93 24.66 -9.96
N GLN B 221 -48.10 24.38 -10.97
CA GLN B 221 -47.04 23.33 -11.03
C GLN B 221 -46.19 23.32 -9.74
N LEU B 222 -45.71 24.46 -9.28
CA LEU B 222 -44.84 24.55 -8.08
C LEU B 222 -45.63 24.31 -6.80
N HIS B 223 -46.89 24.75 -6.72
CA HIS B 223 -47.79 24.37 -5.61
C HIS B 223 -47.99 22.85 -5.70
N THR B 224 -48.35 22.33 -6.88
CA THR B 224 -48.56 20.87 -7.11
C THR B 224 -47.41 20.10 -6.45
N LEU B 225 -46.15 20.52 -6.68
CA LEU B 225 -44.92 19.79 -6.24
C LEU B 225 -44.80 19.80 -4.71
N SER B 226 -44.99 20.95 -4.08
CA SER B 226 -44.86 21.11 -2.61
C SER B 226 -46.09 20.57 -1.86
N ASP B 227 -47.22 20.32 -2.52
CA ASP B 227 -48.53 20.19 -1.82
C ASP B 227 -49.02 18.73 -1.83
N THR B 228 -48.73 17.97 -2.87
CA THR B 228 -49.34 16.65 -3.17
C THR B 228 -48.72 15.50 -2.37
N LEU B 229 -47.51 15.61 -1.79
CA LEU B 229 -46.76 14.40 -1.34
C LEU B 229 -46.64 14.35 0.18
N TRP B 230 -46.73 13.13 0.75
CA TRP B 230 -46.63 12.85 2.22
C TRP B 230 -45.35 12.06 2.51
N GLY B 231 -44.67 12.39 3.62
CA GLY B 231 -43.36 11.86 4.03
C GLY B 231 -43.45 11.01 5.29
N PRO B 232 -42.32 10.83 5.96
CA PRO B 232 -42.30 10.05 7.18
C PRO B 232 -43.38 10.60 8.11
N GLY B 233 -44.08 9.71 8.81
CA GLY B 233 -45.12 10.08 9.79
C GLY B 233 -46.36 10.60 9.11
N ASP B 234 -47.11 11.48 9.78
CA ASP B 234 -48.30 12.08 9.14
C ASP B 234 -47.94 13.50 8.71
N SER B 235 -46.68 13.73 8.34
CA SER B 235 -46.14 15.06 7.87
C SER B 235 -46.18 15.13 6.33
N ARG B 236 -46.23 16.35 5.79
CA ARG B 236 -46.18 16.61 4.32
C ARG B 236 -44.72 16.50 3.83
N LEU B 237 -44.49 15.86 2.67
CA LEU B 237 -43.12 15.86 2.07
C LEU B 237 -42.85 17.26 1.52
N GLN B 238 -42.19 18.08 2.33
CA GLN B 238 -41.84 19.49 2.04
C GLN B 238 -40.51 19.88 2.70
N LEU B 239 -39.88 20.97 2.24
CA LEU B 239 -38.59 21.49 2.78
C LEU B 239 -37.52 20.37 2.80
N ASN B 240 -37.51 19.53 1.74
CA ASN B 240 -36.65 18.33 1.62
C ASN B 240 -35.31 18.80 1.01
N PHE B 241 -34.65 19.70 1.73
CA PHE B 241 -33.41 20.36 1.28
C PHE B 241 -32.52 20.54 2.50
N ARG B 242 -31.23 20.36 2.27
CA ARG B 242 -30.18 20.48 3.29
C ARG B 242 -29.74 21.95 3.38
N ALA B 243 -29.35 22.39 4.56
CA ALA B 243 -28.73 23.70 4.77
C ALA B 243 -27.48 23.77 3.91
N THR B 244 -27.15 24.99 3.52
CA THR B 244 -25.95 25.43 2.77
C THR B 244 -24.72 25.01 3.59
N GLN B 245 -23.68 24.48 2.93
CA GLN B 245 -22.43 23.98 3.55
C GLN B 245 -21.28 24.88 3.13
N PRO B 246 -20.30 25.14 4.01
CA PRO B 246 -19.13 25.94 3.64
C PRO B 246 -18.24 25.32 2.54
N LEU B 247 -17.63 26.17 1.71
CA LEU B 247 -16.74 25.71 0.61
C LEU B 247 -15.43 25.14 1.15
N ASN B 248 -14.95 25.65 2.30
CA ASN B 248 -13.66 25.25 2.94
C ASN B 248 -12.50 25.30 1.94
N GLY B 249 -12.43 26.37 1.14
CA GLY B 249 -11.28 26.59 0.24
C GLY B 249 -11.48 26.04 -1.15
N ARG B 250 -12.55 25.26 -1.37
CA ARG B 250 -12.97 24.80 -2.72
C ARG B 250 -13.33 26.05 -3.52
N VAL B 251 -12.85 26.16 -4.75
CA VAL B 251 -13.22 27.25 -5.68
C VAL B 251 -14.21 26.66 -6.69
N ILE B 252 -15.37 27.26 -6.81
CA ILE B 252 -16.37 26.89 -7.83
C ILE B 252 -15.85 27.37 -9.17
N GLU B 253 -15.87 26.47 -10.16
CA GLU B 253 -15.47 26.79 -11.53
C GLU B 253 -16.73 27.20 -12.30
N ALA B 254 -16.50 28.00 -13.34
CA ALA B 254 -17.50 28.47 -14.29
C ALA B 254 -16.97 28.22 -15.68
N SER B 255 -17.91 27.88 -16.58
CA SER B 255 -17.66 27.50 -17.99
C SER B 255 -17.71 28.73 -18.92
N PHE B 256 -17.93 29.92 -18.41
CA PHE B 256 -18.13 31.15 -19.22
C PHE B 256 -17.47 32.31 -18.48
N PRO B 257 -16.85 33.31 -19.17
CA PRO B 257 -16.19 34.44 -18.51
C PRO B 257 -17.21 35.31 -17.79
N TRP C 7 7.28 -6.23 -22.13
CA TRP C 7 7.40 -4.86 -22.81
C TRP C 7 8.83 -4.25 -22.65
N ARG C 8 9.36 -3.65 -23.72
CA ARG C 8 10.67 -2.97 -23.83
C ARG C 8 10.38 -1.57 -24.44
N TYR C 9 11.25 -0.56 -24.24
CA TYR C 9 11.28 0.70 -25.06
C TYR C 9 11.90 0.39 -26.44
N GLY C 10 11.56 1.19 -27.47
CA GLY C 10 12.02 1.10 -28.88
C GLY C 10 12.11 -0.34 -29.44
N GLY C 11 11.05 -1.15 -29.34
CA GLY C 11 11.04 -2.52 -29.89
C GLY C 11 9.96 -3.41 -29.26
N ASP C 12 9.43 -4.34 -30.04
CA ASP C 12 8.33 -5.29 -29.72
C ASP C 12 8.55 -6.02 -28.40
N PRO C 13 7.40 -6.27 -27.75
CA PRO C 13 6.08 -6.21 -28.45
C PRO C 13 5.26 -4.91 -28.56
N PRO C 14 4.11 -5.15 -29.70
CA PRO C 14 3.65 -3.75 -29.46
C PRO C 14 2.92 -3.44 -28.13
N TRP C 15 2.87 -2.18 -27.66
CA TRP C 15 2.24 -1.98 -26.32
C TRP C 15 0.78 -2.44 -26.27
N PRO C 16 -0.05 -2.04 -27.24
CA PRO C 16 -1.45 -2.51 -27.28
C PRO C 16 -1.74 -4.03 -27.20
N ARG C 17 -0.80 -4.89 -27.64
CA ARG C 17 -0.89 -6.38 -27.47
C ARG C 17 -0.67 -6.74 -25.99
N VAL C 18 0.17 -5.98 -25.27
CA VAL C 18 0.46 -6.15 -23.82
C VAL C 18 -0.75 -5.68 -23.01
N SER C 19 -1.28 -4.50 -23.35
CA SER C 19 -2.39 -3.83 -22.63
C SER C 19 -3.17 -2.96 -23.62
N PRO C 20 -4.48 -3.29 -23.84
CA PRO C 20 -5.29 -2.59 -24.83
C PRO C 20 -5.40 -1.08 -24.54
N ALA C 21 -5.38 -0.66 -23.26
CA ALA C 21 -5.43 0.76 -22.85
C ALA C 21 -4.24 1.53 -23.47
N CYS C 22 -3.14 0.89 -23.88
CA CYS C 22 -2.00 1.57 -24.56
C CYS C 22 -2.42 2.12 -25.94
N ALA C 23 -3.64 1.79 -26.40
CA ALA C 23 -4.24 2.33 -27.64
C ALA C 23 -5.42 3.24 -27.32
N GLY C 24 -5.56 3.71 -26.07
CA GLY C 24 -6.59 4.68 -25.69
C GLY C 24 -6.38 6.00 -26.43
N ARG C 25 -7.42 6.83 -26.46
CA ARG C 25 -7.46 8.15 -27.15
C ARG C 25 -6.74 9.21 -26.30
N PHE C 26 -6.71 9.03 -24.98
CA PHE C 26 -6.30 10.06 -23.97
C PHE C 26 -5.04 9.59 -23.20
N GLN C 27 -3.92 9.52 -23.95
CA GLN C 27 -2.65 8.91 -23.49
C GLN C 27 -1.66 10.02 -23.14
N SER C 28 -0.63 9.61 -22.38
CA SER C 28 0.51 10.44 -21.92
C SER C 28 1.76 9.75 -22.43
N PRO C 29 2.88 10.47 -22.62
CA PRO C 29 2.95 11.92 -22.41
C PRO C 29 2.46 12.72 -23.61
N VAL C 30 2.46 14.02 -23.47
CA VAL C 30 1.98 14.95 -24.52
C VAL C 30 2.95 16.12 -24.68
N ASP C 31 2.74 16.85 -25.75
CA ASP C 31 3.50 18.08 -26.07
C ASP C 31 2.66 19.21 -25.50
N ILE C 32 3.23 19.94 -24.57
CA ILE C 32 2.55 21.12 -23.97
C ILE C 32 2.83 22.33 -24.87
N ARG C 33 1.78 22.92 -25.40
CA ARG C 33 1.83 24.17 -26.19
C ARG C 33 1.20 25.23 -25.31
N PRO C 34 1.98 25.99 -24.51
CA PRO C 34 1.43 26.88 -23.49
C PRO C 34 0.48 27.95 -24.02
N GLN C 35 0.63 28.33 -25.29
CA GLN C 35 -0.30 29.26 -25.98
C GLN C 35 -1.68 28.59 -26.09
N LEU C 36 -1.79 27.28 -26.32
CA LEU C 36 -3.12 26.58 -26.36
C LEU C 36 -3.57 26.21 -24.96
N ALA C 37 -2.77 26.43 -23.91
CA ALA C 37 -3.16 26.03 -22.53
C ALA C 37 -4.26 26.97 -22.09
N ALA C 38 -5.09 26.49 -21.17
CA ALA C 38 -6.22 27.24 -20.56
C ALA C 38 -5.83 27.71 -19.15
N PHE C 39 -5.73 29.01 -18.95
CA PHE C 39 -5.50 29.58 -17.61
C PHE C 39 -6.71 29.25 -16.77
N SER C 40 -6.50 28.53 -15.68
CA SER C 40 -7.56 28.23 -14.68
C SER C 40 -7.09 28.70 -13.32
N PRO C 41 -7.65 29.81 -12.80
CA PRO C 41 -7.33 30.28 -11.46
C PRO C 41 -7.78 29.36 -10.33
N ALA C 42 -8.52 28.29 -10.60
CA ALA C 42 -8.88 27.33 -9.52
C ALA C 42 -7.65 26.49 -9.15
N LEU C 43 -6.63 26.40 -10.02
CA LEU C 43 -5.39 25.65 -9.73
C LEU C 43 -4.51 26.42 -8.72
N ARG C 44 -4.58 26.00 -7.47
CA ARG C 44 -3.80 26.55 -6.34
C ARG C 44 -2.45 25.84 -6.28
N PRO C 45 -1.48 26.43 -5.52
CA PRO C 45 -0.18 25.80 -5.30
C PRO C 45 -0.29 24.41 -4.65
N LEU C 46 0.49 23.47 -5.16
CA LEU C 46 0.51 22.08 -4.61
C LEU C 46 0.95 22.11 -3.15
N GLU C 47 0.44 21.19 -2.34
CA GLU C 47 0.83 21.03 -0.94
C GLU C 47 1.38 19.61 -0.69
N LEU C 48 2.60 19.53 -0.17
CA LEU C 48 3.30 18.29 0.25
C LEU C 48 3.44 18.27 1.77
N LEU C 49 3.09 17.17 2.43
CA LEU C 49 3.37 16.99 3.89
C LEU C 49 4.15 15.69 4.01
N GLY C 50 5.11 15.65 4.91
CA GLY C 50 5.80 14.42 5.31
C GLY C 50 6.92 14.06 4.33
N PHE C 51 7.26 14.95 3.39
CA PHE C 51 8.26 14.62 2.33
C PHE C 51 9.68 14.77 2.86
N GLN C 52 9.87 15.46 3.99
CA GLN C 52 11.20 15.65 4.64
C GLN C 52 11.43 14.45 5.56
N LEU C 53 12.10 13.42 5.08
CA LEU C 53 12.22 12.12 5.77
C LEU C 53 13.41 12.12 6.71
N PRO C 54 13.31 11.40 7.83
CA PRO C 54 14.50 11.05 8.58
C PRO C 54 15.36 10.06 7.78
N PRO C 55 16.65 9.91 8.14
CA PRO C 55 17.55 9.00 7.45
C PRO C 55 17.18 7.52 7.63
N LEU C 56 16.62 7.13 8.78
CA LEU C 56 16.11 5.75 9.03
C LEU C 56 14.64 5.85 9.34
N PRO C 57 13.83 4.91 8.81
CA PRO C 57 14.34 3.80 7.99
C PRO C 57 14.78 4.17 6.55
N GLU C 58 15.74 3.44 6.00
CA GLU C 58 16.16 3.54 4.59
C GLU C 58 15.04 3.19 3.59
N LEU C 59 15.25 3.56 2.34
CA LEU C 59 14.32 3.48 1.20
C LEU C 59 14.96 2.52 0.20
N ARG C 60 14.17 1.86 -0.62
CA ARG C 60 14.74 0.96 -1.63
C ARG C 60 14.84 1.70 -2.96
N LEU C 61 16.03 1.69 -3.53
CA LEU C 61 16.28 2.25 -4.88
C LEU C 61 16.50 1.07 -5.82
N ARG C 62 15.72 0.95 -6.89
CA ARG C 62 15.80 -0.25 -7.75
C ARG C 62 15.95 0.12 -9.24
N ASN C 63 16.86 -0.57 -9.93
CA ASN C 63 16.97 -0.66 -11.39
C ASN C 63 16.01 -1.75 -11.84
N ASN C 64 14.84 -1.40 -12.39
CA ASN C 64 13.76 -2.34 -12.75
C ASN C 64 13.82 -2.63 -14.26
N GLY C 65 14.92 -2.24 -14.89
CA GLY C 65 15.15 -2.46 -16.33
C GLY C 65 14.45 -1.41 -17.17
N HIS C 66 13.48 -0.69 -16.62
CA HIS C 66 12.72 0.40 -17.30
C HIS C 66 13.12 1.81 -16.81
N SER C 67 13.50 1.93 -15.55
CA SER C 67 13.90 3.19 -14.89
C SER C 67 14.63 2.84 -13.61
N VAL C 68 15.10 3.87 -12.92
CA VAL C 68 15.51 3.71 -11.51
C VAL C 68 14.35 4.25 -10.69
N GLN C 69 13.87 3.45 -9.74
CA GLN C 69 12.67 3.69 -8.94
C GLN C 69 13.10 3.77 -7.48
N LEU C 70 12.79 4.89 -6.82
CA LEU C 70 12.86 5.03 -5.35
C LEU C 70 11.47 4.77 -4.81
N THR C 71 11.30 3.69 -4.04
CA THR C 71 10.04 3.39 -3.33
C THR C 71 9.92 4.32 -2.11
N LEU C 72 8.78 4.98 -1.96
CA LEU C 72 8.57 5.92 -0.83
C LEU C 72 7.78 5.26 0.29
N PRO C 73 8.05 5.61 1.55
CA PRO C 73 7.40 4.96 2.67
C PRO C 73 6.02 5.53 2.89
N PRO C 74 5.23 4.98 3.82
CA PRO C 74 3.94 5.60 4.16
C PRO C 74 4.14 6.97 4.84
N GLY C 75 2.97 8.04 4.72
CA GLY C 75 3.07 9.33 5.44
C GLY C 75 3.34 10.50 4.53
N LEU C 76 3.55 10.28 3.23
CA LEU C 76 3.82 11.39 2.28
C LEU C 76 2.51 11.77 1.61
N GLU C 77 1.93 12.90 2.03
CA GLU C 77 0.60 13.37 1.61
C GLU C 77 0.82 14.52 0.64
N MET C 78 0.15 14.46 -0.49
CA MET C 78 0.18 15.51 -1.53
C MET C 78 -1.27 15.87 -1.83
N ALA C 79 -1.59 17.16 -1.98
CA ALA C 79 -2.94 17.65 -2.34
C ALA C 79 -2.82 18.52 -3.58
N LEU C 80 -3.65 18.27 -4.59
CA LEU C 80 -3.76 19.09 -5.83
C LEU C 80 -4.64 20.31 -5.57
N GLY C 81 -5.36 20.20 -4.50
CA GLY C 81 -6.19 21.26 -3.94
C GLY C 81 -6.84 20.75 -2.67
N PRO C 82 -7.87 21.63 -2.22
CA PRO C 82 -8.82 21.28 -1.15
C PRO C 82 -9.71 20.08 -1.52
N GLY C 83 -9.66 19.02 -0.73
CA GLY C 83 -10.42 17.80 -1.01
C GLY C 83 -9.82 16.95 -2.12
N ARG C 84 -8.60 17.22 -2.61
CA ARG C 84 -7.96 16.44 -3.73
C ARG C 84 -6.66 15.82 -3.17
N GLU C 85 -6.76 14.71 -2.43
CA GLU C 85 -5.71 14.22 -1.51
C GLU C 85 -5.18 12.87 -1.97
N TYR C 86 -3.86 12.74 -1.88
CA TYR C 86 -3.04 11.64 -2.45
C TYR C 86 -1.93 11.26 -1.45
N ARG C 87 -1.49 10.01 -1.54
CA ARG C 87 -0.33 9.44 -0.81
C ARG C 87 0.74 9.09 -1.86
N ALA C 88 1.98 9.52 -1.66
CA ALA C 88 3.08 9.21 -2.59
C ALA C 88 3.42 7.72 -2.47
N LEU C 89 3.72 7.05 -3.58
CA LEU C 89 4.15 5.61 -3.66
C LEU C 89 5.61 5.48 -4.04
N GLN C 90 6.09 6.30 -4.99
CA GLN C 90 7.41 6.05 -5.60
C GLN C 90 7.71 7.19 -6.53
N LEU C 91 9.00 7.35 -6.83
CA LEU C 91 9.42 8.22 -7.96
C LEU C 91 10.41 7.43 -8.81
N HIS C 92 10.53 7.81 -10.05
CA HIS C 92 11.44 7.22 -11.05
C HIS C 92 11.76 8.32 -12.06
N LEU C 93 12.74 8.07 -12.93
CA LEU C 93 13.25 9.06 -13.90
C LEU C 93 13.13 8.51 -15.32
N HIS C 94 13.00 9.42 -16.28
CA HIS C 94 13.14 9.15 -17.72
C HIS C 94 14.26 10.08 -18.22
N TRP C 95 15.14 9.55 -19.07
CA TRP C 95 16.35 10.21 -19.58
C TRP C 95 16.70 9.65 -20.97
N GLY C 96 17.64 10.30 -21.67
CA GLY C 96 18.09 9.96 -23.03
C GLY C 96 19.43 9.25 -23.03
N ALA C 97 20.43 9.87 -23.66
CA ALA C 97 21.78 9.32 -23.96
C ALA C 97 22.71 10.48 -24.30
N ALA C 98 24.02 10.28 -24.38
CA ALA C 98 25.02 11.32 -24.73
C ALA C 98 24.45 12.21 -25.85
N GLY C 99 24.25 13.50 -25.56
CA GLY C 99 23.72 14.51 -26.50
C GLY C 99 22.37 14.12 -27.09
N ARG C 100 21.55 13.37 -26.34
CA ARG C 100 20.15 13.12 -26.78
C ARG C 100 19.24 13.32 -25.58
N PRO C 101 18.36 14.33 -25.60
CA PRO C 101 17.40 14.51 -24.52
C PRO C 101 16.42 13.34 -24.42
N GLY C 102 15.86 13.09 -23.23
CA GLY C 102 14.96 11.95 -22.97
C GLY C 102 13.83 12.25 -22.00
N SER C 103 13.43 13.50 -21.81
CA SER C 103 12.17 13.81 -21.07
C SER C 103 10.99 13.18 -21.84
N GLU C 104 9.86 12.97 -21.16
CA GLU C 104 8.65 12.34 -21.73
C GLU C 104 7.81 13.45 -22.34
N HIS C 105 7.42 14.38 -21.51
CA HIS C 105 6.66 15.57 -21.93
C HIS C 105 7.62 16.46 -22.71
N THR C 106 7.07 17.26 -23.62
CA THR C 106 7.83 18.25 -24.43
C THR C 106 7.07 19.56 -24.33
N VAL C 107 7.76 20.67 -24.58
CA VAL C 107 7.16 22.03 -24.62
C VAL C 107 7.49 22.59 -26.02
N GLU C 108 6.46 22.99 -26.79
CA GLU C 108 6.60 23.57 -28.14
C GLU C 108 7.60 22.67 -28.90
N GLY C 109 7.54 21.36 -28.70
CA GLY C 109 8.41 20.36 -29.36
C GLY C 109 9.77 20.16 -28.69
N HIS C 110 10.15 20.91 -27.64
CA HIS C 110 11.52 20.83 -27.05
C HIS C 110 11.55 19.68 -26.05
N ARG C 111 12.48 18.76 -26.21
CA ARG C 111 12.66 17.62 -25.27
C ARG C 111 13.81 17.97 -24.34
N PHE C 112 13.56 17.92 -23.03
CA PHE C 112 14.54 18.22 -21.97
C PHE C 112 15.41 17.00 -21.72
N PRO C 113 16.60 17.15 -21.12
CA PRO C 113 17.51 16.03 -20.90
C PRO C 113 16.84 14.87 -20.15
N ALA C 114 16.12 15.15 -19.06
CA ALA C 114 15.49 14.09 -18.22
C ALA C 114 14.19 14.57 -17.56
N GLU C 115 13.49 13.68 -16.84
CA GLU C 115 12.17 13.96 -16.19
C GLU C 115 12.05 13.06 -14.97
N ILE C 116 11.58 13.64 -13.89
CA ILE C 116 11.24 12.90 -12.64
C ILE C 116 9.72 12.79 -12.58
N HIS C 117 9.22 11.62 -12.22
CA HIS C 117 7.79 11.35 -11.93
C HIS C 117 7.63 10.91 -10.47
N VAL C 118 6.75 11.56 -9.75
CA VAL C 118 6.42 11.15 -8.36
C VAL C 118 4.98 10.71 -8.43
N VAL C 119 4.77 9.40 -8.21
CA VAL C 119 3.48 8.73 -8.53
C VAL C 119 2.73 8.66 -7.22
N HIS C 120 1.47 9.10 -7.22
CA HIS C 120 0.60 9.12 -6.02
C HIS C 120 -0.73 8.37 -6.26
N LEU C 121 -1.37 7.96 -5.17
CA LEU C 121 -2.60 7.17 -5.09
C LEU C 121 -3.63 8.03 -4.36
N SER C 122 -4.83 8.17 -4.91
CA SER C 122 -5.94 8.89 -4.23
C SER C 122 -6.18 8.21 -2.89
N THR C 123 -6.40 9.02 -1.84
CA THR C 123 -6.67 8.49 -0.47
C THR C 123 -7.99 7.72 -0.43
N ALA C 124 -8.86 7.77 -1.73
CA ALA C 124 -10.12 6.99 -1.70
C ALA C 124 -9.81 5.50 -1.93
N PHE C 125 -8.56 5.14 -2.28
CA PHE C 125 -8.14 3.81 -2.74
C PHE C 125 -7.06 3.26 -1.82
N ALA C 126 -7.25 2.03 -1.33
CA ALA C 126 -6.26 1.26 -0.53
C ALA C 126 -5.11 0.76 -1.42
N ARG C 127 -5.34 0.44 -2.69
CA ARG C 127 -4.32 -0.19 -3.56
C ARG C 127 -4.33 0.43 -4.95
N VAL C 128 -3.16 0.44 -5.61
CA VAL C 128 -3.04 0.91 -7.02
C VAL C 128 -3.99 0.15 -7.94
N ASP C 129 -4.09 -1.16 -7.86
CA ASP C 129 -4.87 -1.92 -8.88
C ASP C 129 -6.33 -1.46 -8.84
N GLU C 130 -6.89 -1.08 -7.70
CA GLU C 130 -8.27 -0.55 -7.63
C GLU C 130 -8.38 0.87 -8.27
N ALA C 131 -7.29 1.63 -8.36
CA ALA C 131 -7.30 3.03 -8.82
C ALA C 131 -7.12 3.08 -10.34
N LEU C 132 -6.47 2.06 -10.92
CA LEU C 132 -6.15 2.04 -12.37
C LEU C 132 -7.43 2.31 -13.16
N GLY C 133 -7.39 3.29 -14.06
CA GLY C 133 -8.51 3.60 -14.96
C GLY C 133 -9.64 4.33 -14.26
N ARG C 134 -9.58 4.57 -12.95
CA ARG C 134 -10.61 5.37 -12.22
C ARG C 134 -10.24 6.85 -12.32
N PRO C 135 -11.23 7.78 -12.49
CA PRO C 135 -10.96 9.22 -12.63
C PRO C 135 -10.26 9.77 -11.37
N GLY C 136 -9.07 10.29 -11.57
CA GLY C 136 -8.28 10.93 -10.51
C GLY C 136 -7.73 9.92 -9.53
N GLY C 137 -7.70 8.65 -9.90
CA GLY C 137 -7.24 7.57 -9.00
C GLY C 137 -5.77 7.68 -8.69
N LEU C 138 -4.97 7.97 -9.71
CA LEU C 138 -3.53 8.25 -9.62
C LEU C 138 -3.24 9.71 -10.06
N ALA C 139 -2.22 10.31 -9.45
CA ALA C 139 -1.72 11.65 -9.75
C ALA C 139 -0.20 11.57 -9.86
N VAL C 140 0.37 12.04 -10.97
CA VAL C 140 1.85 12.16 -11.07
C VAL C 140 2.22 13.65 -11.01
N LEU C 141 3.24 13.98 -10.21
CA LEU C 141 4.03 15.25 -10.32
C LEU C 141 5.26 14.99 -11.19
N ALA C 142 5.41 15.81 -12.25
CA ALA C 142 6.45 15.70 -13.30
C ALA C 142 7.24 17.02 -13.32
N ALA C 143 8.57 16.91 -13.24
CA ALA C 143 9.50 18.05 -13.38
C ALA C 143 10.52 17.65 -14.42
N PHE C 144 10.94 18.60 -15.23
CA PHE C 144 12.06 18.40 -16.17
C PHE C 144 13.36 18.60 -15.43
N LEU C 145 14.37 17.79 -15.77
CA LEU C 145 15.76 17.96 -15.30
C LEU C 145 16.59 18.56 -16.45
N GLU C 146 17.31 19.63 -16.15
CA GLU C 146 18.13 20.41 -17.09
C GLU C 146 19.52 20.54 -16.45
N GLU C 147 20.50 20.90 -17.27
CA GLU C 147 21.88 21.13 -16.81
C GLU C 147 21.94 22.49 -16.12
N GLY C 148 22.55 22.50 -14.95
CA GLY C 148 22.91 23.74 -14.21
C GLY C 148 24.37 23.71 -13.80
N PRO C 149 24.90 24.80 -13.23
CA PRO C 149 26.31 24.88 -12.88
C PRO C 149 26.75 24.05 -11.67
N GLU C 150 25.86 23.76 -10.74
CA GLU C 150 26.21 23.14 -9.44
C GLU C 150 25.80 21.66 -9.43
N GLU C 151 26.50 20.85 -8.64
CA GLU C 151 26.05 19.51 -8.21
C GLU C 151 24.78 19.68 -7.38
N ASN C 152 23.71 18.98 -7.75
CA ASN C 152 22.43 18.96 -7.03
C ASN C 152 22.57 17.94 -5.89
N SER C 153 22.75 18.40 -4.65
CA SER C 153 23.10 17.49 -3.50
C SER C 153 21.99 16.45 -3.27
N ALA C 154 20.72 16.82 -3.45
CA ALA C 154 19.60 15.87 -3.24
C ALA C 154 19.71 14.76 -4.28
N TYR C 155 19.89 15.11 -5.55
CA TYR C 155 20.01 14.13 -6.64
C TYR C 155 21.26 13.29 -6.41
N GLU C 156 22.32 13.89 -5.86
CA GLU C 156 23.63 13.23 -5.68
C GLU C 156 23.43 11.97 -4.82
N GLN C 157 22.50 12.00 -3.85
CA GLN C 157 22.26 10.87 -2.92
C GLN C 157 21.71 9.65 -3.65
N LEU C 158 20.96 9.83 -4.74
CA LEU C 158 20.55 8.67 -5.56
C LEU C 158 21.60 8.40 -6.64
N LEU C 159 22.12 9.41 -7.31
CA LEU C 159 22.98 9.19 -8.50
C LEU C 159 24.29 8.53 -8.07
N SER C 160 24.80 8.86 -6.86
CA SER C 160 26.08 8.30 -6.36
C SER C 160 25.90 6.81 -6.09
N ARG C 161 24.68 6.27 -6.14
CA ARG C 161 24.37 4.84 -5.88
C ARG C 161 24.01 4.05 -7.17
N LEU C 162 23.97 4.66 -8.36
CA LEU C 162 23.56 3.91 -9.56
C LEU C 162 24.58 2.81 -9.84
N GLU C 163 25.84 3.05 -9.53
CA GLU C 163 26.91 2.08 -9.84
C GLU C 163 26.57 0.76 -9.13
N GLU C 164 26.07 0.83 -7.89
CA GLU C 164 25.63 -0.35 -7.10
C GLU C 164 24.50 -1.09 -7.79
N ILE C 165 23.68 -0.43 -8.61
CA ILE C 165 22.46 -1.06 -9.20
C ILE C 165 22.54 -1.01 -10.73
N ALA C 166 23.75 -1.05 -11.29
CA ALA C 166 24.00 -1.04 -12.76
C ALA C 166 23.22 -2.17 -13.45
N GLU C 167 23.24 -3.37 -12.88
CA GLU C 167 22.56 -4.55 -13.45
C GLU C 167 21.03 -4.42 -13.35
N GLU C 168 20.31 -4.78 -14.42
CA GLU C 168 18.84 -4.90 -14.44
C GLU C 168 18.49 -5.80 -13.26
N GLY C 169 17.42 -5.46 -12.53
CA GLY C 169 16.89 -6.25 -11.41
C GLY C 169 17.62 -6.04 -10.08
N SER C 170 18.60 -5.14 -10.00
CA SER C 170 19.40 -4.92 -8.78
C SER C 170 18.79 -3.79 -7.97
N GLU C 171 19.09 -3.75 -6.67
CA GLU C 171 18.48 -2.79 -5.73
C GLU C 171 19.47 -2.52 -4.62
N THR C 172 19.37 -1.35 -4.01
CA THR C 172 20.22 -0.92 -2.89
C THR C 172 19.36 -0.16 -1.89
N GLN C 173 19.85 0.11 -0.69
CA GLN C 173 19.12 0.91 0.32
C GLN C 173 19.80 2.29 0.36
N VAL C 174 18.99 3.35 0.42
CA VAL C 174 19.52 4.73 0.58
C VAL C 174 18.82 5.34 1.78
N PRO C 175 19.55 6.15 2.56
CA PRO C 175 18.94 6.90 3.65
C PRO C 175 17.83 7.82 3.13
N GLY C 176 16.77 7.96 3.91
CA GLY C 176 15.75 8.99 3.71
C GLY C 176 16.38 10.36 3.56
N LEU C 177 15.74 11.20 2.76
CA LEU C 177 16.21 12.57 2.39
C LEU C 177 14.95 13.40 2.23
N ASP C 178 15.14 14.70 2.00
CA ASP C 178 14.03 15.62 1.62
C ASP C 178 13.62 15.32 0.19
N ILE C 179 12.59 14.50 0.03
CA ILE C 179 12.09 14.09 -1.31
C ILE C 179 11.68 15.38 -2.07
N SER C 180 11.16 16.39 -1.36
CA SER C 180 10.68 17.64 -2.01
C SER C 180 11.87 18.36 -2.65
N ALA C 181 13.08 18.15 -2.16
CA ALA C 181 14.30 18.74 -2.77
C ALA C 181 14.62 18.12 -4.14
N LEU C 182 13.92 17.07 -4.56
CA LEU C 182 14.09 16.48 -5.93
C LEU C 182 13.20 17.21 -6.94
N LEU C 183 12.38 18.14 -6.43
CA LEU C 183 11.32 18.80 -7.21
C LEU C 183 11.66 20.29 -7.25
N PRO C 184 11.14 21.04 -8.22
CA PRO C 184 11.30 22.51 -8.24
C PRO C 184 10.74 23.12 -6.96
N SER C 185 11.22 24.31 -6.60
CA SER C 185 10.74 25.03 -5.38
C SER C 185 9.47 25.81 -5.70
N ASP C 186 9.23 26.14 -6.95
CA ASP C 186 7.96 26.80 -7.36
C ASP C 186 6.84 25.74 -7.51
N PHE C 187 5.99 25.61 -6.50
CA PHE C 187 4.80 24.74 -6.52
C PHE C 187 3.55 25.48 -7.05
N SER C 188 3.65 26.73 -7.55
CA SER C 188 2.50 27.59 -7.98
C SER C 188 2.23 27.48 -9.48
N ARG C 189 3.28 27.25 -10.24
CA ARG C 189 3.24 27.43 -11.72
C ARG C 189 3.41 26.04 -12.35
N TYR C 190 2.34 25.54 -12.93
CA TYR C 190 2.29 24.15 -13.46
C TYR C 190 1.18 24.04 -14.49
N PHE C 191 1.29 23.01 -15.30
CA PHE C 191 0.29 22.56 -16.29
C PHE C 191 -0.36 21.32 -15.67
N GLN C 192 -1.64 21.15 -15.88
CA GLN C 192 -2.43 19.98 -15.43
C GLN C 192 -3.30 19.49 -16.60
N TYR C 193 -3.27 18.20 -16.85
CA TYR C 193 -4.18 17.57 -17.81
C TYR C 193 -4.43 16.15 -17.34
N GLU C 194 -5.43 15.51 -17.96
CA GLU C 194 -5.84 14.11 -17.71
C GLU C 194 -5.26 13.22 -18.81
N GLY C 195 -4.62 12.14 -18.39
CA GLY C 195 -3.86 11.25 -19.27
C GLY C 195 -3.77 9.87 -18.67
N SER C 196 -2.63 9.23 -18.85
CA SER C 196 -2.50 7.77 -18.65
C SER C 196 -1.17 7.49 -17.99
N LEU C 197 -0.97 6.24 -17.53
CA LEU C 197 0.40 5.70 -17.34
C LEU C 197 1.12 5.80 -18.70
N THR C 198 2.44 6.06 -18.67
CA THR C 198 3.30 6.19 -19.87
C THR C 198 3.91 4.83 -20.16
N THR C 199 3.61 3.84 -19.32
CA THR C 199 4.10 2.46 -19.47
C THR C 199 2.88 1.55 -19.41
N PRO C 200 2.92 0.35 -20.04
CA PRO C 200 1.85 -0.63 -19.89
C PRO C 200 1.56 -0.72 -18.41
N PRO C 201 0.31 -0.88 -17.96
CA PRO C 201 -0.87 -0.97 -18.83
C PRO C 201 -1.43 0.33 -19.44
N CYS C 202 -0.79 1.47 -19.28
CA CYS C 202 -1.20 2.73 -19.94
C CYS C 202 -2.65 3.09 -19.54
N ALA C 203 -3.12 2.74 -18.33
CA ALA C 203 -4.50 3.02 -17.86
C ALA C 203 -4.76 4.53 -17.82
N GLN C 204 -5.98 4.92 -18.19
CA GLN C 204 -6.39 6.37 -18.23
C GLN C 204 -6.85 6.81 -16.83
N GLY C 205 -7.24 8.09 -16.73
CA GLY C 205 -7.80 8.71 -15.53
C GLY C 205 -6.73 9.28 -14.62
N VAL C 206 -5.50 9.35 -15.11
CA VAL C 206 -4.32 9.82 -14.32
C VAL C 206 -4.26 11.34 -14.43
N ILE C 207 -4.12 12.02 -13.29
CA ILE C 207 -3.94 13.50 -13.28
C ILE C 207 -2.45 13.88 -13.28
N TRP C 208 -2.04 14.50 -14.39
CA TRP C 208 -0.64 14.89 -14.66
C TRP C 208 -0.51 16.34 -14.25
N THR C 209 0.44 16.63 -13.38
CA THR C 209 0.92 17.99 -13.04
C THR C 209 2.39 18.09 -13.49
N VAL C 210 2.69 18.96 -14.45
CA VAL C 210 4.05 19.24 -14.99
C VAL C 210 4.38 20.66 -14.55
N PHE C 211 5.45 20.84 -13.80
CA PHE C 211 5.93 22.15 -13.25
C PHE C 211 6.47 23.07 -14.38
N ASN C 212 6.24 24.39 -14.34
CA ASN C 212 6.87 25.49 -15.18
C ASN C 212 8.38 25.39 -14.87
N GLN C 213 8.73 25.43 -13.60
CA GLN C 213 10.15 25.53 -13.19
C GLN C 213 10.81 24.17 -13.39
N THR C 214 12.06 24.17 -13.85
CA THR C 214 12.84 22.93 -14.00
C THR C 214 13.79 22.78 -12.80
N VAL C 215 14.28 21.55 -12.64
CA VAL C 215 15.28 21.16 -11.63
C VAL C 215 16.64 21.06 -12.32
N MET C 216 17.72 21.44 -11.62
CA MET C 216 19.05 21.58 -12.27
C MET C 216 20.00 20.52 -11.70
N LEU C 217 20.67 19.79 -12.60
CA LEU C 217 21.72 18.79 -12.28
C LEU C 217 23.01 19.23 -12.98
N SER C 218 24.18 18.83 -12.50
CA SER C 218 25.45 19.08 -13.22
C SER C 218 25.47 18.21 -14.47
N ALA C 219 26.34 18.57 -15.42
CA ALA C 219 26.58 17.75 -16.64
C ALA C 219 27.06 16.36 -16.19
N LYS C 220 27.89 16.28 -15.17
CA LYS C 220 28.38 14.97 -14.71
C LYS C 220 27.17 14.11 -14.23
N GLN C 221 26.30 14.71 -13.43
CA GLN C 221 25.10 14.01 -12.89
C GLN C 221 24.25 13.52 -14.07
N LEU C 222 23.97 14.35 -15.07
CA LEU C 222 23.15 13.91 -16.24
C LEU C 222 23.85 12.75 -16.95
N HIS C 223 25.18 12.80 -17.10
CA HIS C 223 25.95 11.69 -17.70
C HIS C 223 25.83 10.45 -16.76
N THR C 224 25.96 10.61 -15.44
CA THR C 224 25.83 9.46 -14.50
C THR C 224 24.47 8.78 -14.74
N LEU C 225 23.41 9.54 -14.89
CA LEU C 225 22.04 8.97 -14.99
C LEU C 225 21.93 8.15 -16.27
N SER C 226 22.37 8.70 -17.39
CA SER C 226 22.18 8.15 -18.76
C SER C 226 23.17 6.99 -19.01
N ASP C 227 24.24 6.89 -18.25
CA ASP C 227 25.43 6.15 -18.69
C ASP C 227 25.78 5.01 -17.72
N THR C 228 24.97 4.70 -16.69
CA THR C 228 25.39 3.78 -15.59
C THR C 228 24.56 2.50 -15.57
N LEU C 229 23.25 2.55 -15.89
CA LEU C 229 22.36 1.39 -15.71
C LEU C 229 22.23 0.61 -17.02
N TRP C 230 22.03 -0.70 -16.88
CA TRP C 230 21.77 -1.65 -17.99
C TRP C 230 20.32 -2.15 -17.88
N GLY C 231 19.69 -2.38 -19.01
CA GLY C 231 18.29 -2.78 -19.08
C GLY C 231 18.14 -4.19 -19.62
N PRO C 232 17.02 -4.47 -20.24
CA PRO C 232 16.77 -5.80 -20.77
C PRO C 232 17.95 -6.24 -21.66
N GLY C 233 18.45 -7.45 -21.41
CA GLY C 233 19.54 -8.05 -22.19
C GLY C 233 20.87 -7.42 -21.91
N ASP C 234 21.78 -7.46 -22.88
CA ASP C 234 23.11 -6.83 -22.69
C ASP C 234 23.07 -5.42 -23.29
N SER C 235 21.96 -4.67 -23.09
CA SER C 235 21.75 -3.30 -23.64
C SER C 235 21.73 -2.21 -22.54
N ARG C 236 22.21 -1.01 -22.85
CA ARG C 236 22.17 0.16 -21.93
C ARG C 236 20.72 0.63 -21.73
N LEU C 237 20.39 1.01 -20.49
CA LEU C 237 19.11 1.62 -20.07
C LEU C 237 19.21 3.13 -20.33
N GLN C 238 18.78 3.51 -21.52
CA GLN C 238 18.85 4.86 -22.10
C GLN C 238 17.58 5.10 -22.89
N LEU C 239 17.24 6.35 -23.21
CA LEU C 239 16.11 6.66 -24.12
C LEU C 239 14.86 5.92 -23.60
N ASN C 240 14.69 5.93 -22.28
CA ASN C 240 13.60 5.19 -21.61
C ASN C 240 12.38 6.12 -21.50
N PHE C 241 11.92 6.64 -22.64
CA PHE C 241 10.74 7.54 -22.75
C PHE C 241 9.82 7.09 -23.89
N ARG C 242 8.52 7.30 -23.68
CA ARG C 242 7.48 7.04 -24.71
C ARG C 242 7.37 8.25 -25.63
N ALA C 243 7.11 8.00 -26.90
CA ALA C 243 6.82 9.07 -27.89
C ALA C 243 5.60 9.92 -27.43
N THR C 244 5.62 11.19 -27.79
CA THR C 244 4.51 12.14 -27.60
C THR C 244 3.20 11.55 -28.16
N GLN C 245 2.12 11.69 -27.39
CA GLN C 245 0.76 11.23 -27.72
C GLN C 245 -0.06 12.48 -28.02
N PRO C 246 -0.97 12.41 -29.03
CA PRO C 246 -1.84 13.54 -29.35
C PRO C 246 -2.76 13.94 -28.19
N LEU C 247 -3.03 15.22 -28.02
CA LEU C 247 -4.03 15.66 -27.03
C LEU C 247 -5.41 15.12 -27.39
N ASN C 248 -5.71 15.02 -28.69
CA ASN C 248 -7.00 14.47 -29.19
C ASN C 248 -8.18 15.23 -28.54
N GLY C 249 -8.01 16.55 -28.38
CA GLY C 249 -9.08 17.50 -28.02
C GLY C 249 -9.11 17.80 -26.53
N ARG C 250 -8.29 17.13 -25.74
CA ARG C 250 -7.99 17.55 -24.34
C ARG C 250 -7.39 18.96 -24.36
N VAL C 251 -7.75 19.70 -23.32
CA VAL C 251 -7.22 21.05 -23.05
C VAL C 251 -6.36 20.96 -21.80
N ILE C 252 -5.06 21.25 -21.93
CA ILE C 252 -4.10 21.36 -20.80
C ILE C 252 -4.44 22.63 -20.04
N GLU C 253 -4.66 22.56 -18.74
CA GLU C 253 -4.90 23.78 -17.92
C GLU C 253 -3.53 24.31 -17.45
N ALA C 254 -3.42 25.61 -17.17
CA ALA C 254 -2.22 26.25 -16.55
C ALA C 254 -2.67 27.00 -15.30
N SER C 255 -1.84 27.04 -14.26
CA SER C 255 -2.17 27.74 -12.99
C SER C 255 -1.80 29.23 -13.07
N PHE C 256 -1.50 29.74 -14.27
CA PHE C 256 -0.97 31.12 -14.53
C PHE C 256 -1.34 31.54 -15.95
N PRO C 257 -1.61 32.84 -16.16
CA PRO C 257 -1.97 33.31 -17.50
C PRO C 257 -0.76 33.32 -18.46
N TRP D 7 -12.09 -19.18 -7.43
CA TRP D 7 -12.06 -20.18 -6.26
C TRP D 7 -13.21 -19.93 -5.29
N ARG D 8 -13.53 -20.94 -4.46
CA ARG D 8 -14.58 -20.83 -3.39
C ARG D 8 -14.44 -21.93 -2.33
N TYR D 9 -15.09 -21.70 -1.19
CA TYR D 9 -15.27 -22.64 -0.05
C TYR D 9 -16.30 -23.72 -0.45
N GLY D 10 -16.04 -24.98 -0.07
CA GLY D 10 -16.98 -26.12 -0.22
C GLY D 10 -16.89 -26.83 -1.56
N GLY D 11 -15.99 -26.42 -2.48
CA GLY D 11 -15.75 -27.17 -3.73
C GLY D 11 -14.85 -26.45 -4.72
N ASP D 12 -14.85 -27.01 -5.93
CA ASP D 12 -13.97 -26.65 -7.07
C ASP D 12 -14.11 -25.19 -7.44
N PRO D 13 -12.93 -24.60 -7.77
CA PRO D 13 -11.64 -25.28 -8.25
C PRO D 13 -10.44 -25.79 -7.28
N PRO D 14 -10.41 -27.18 -6.58
CA PRO D 14 -9.26 -27.66 -5.81
C PRO D 14 -8.30 -26.48 -5.63
N TRP D 15 -7.97 -26.12 -4.39
CA TRP D 15 -7.07 -24.92 -4.29
C TRP D 15 -5.72 -24.98 -5.03
N PRO D 16 -4.98 -26.09 -4.99
CA PRO D 16 -3.72 -26.19 -5.72
C PRO D 16 -3.78 -25.81 -7.21
N ARG D 17 -4.85 -26.15 -7.93
CA ARG D 17 -4.95 -25.78 -9.37
C ARG D 17 -4.96 -24.26 -9.51
N VAL D 18 -5.49 -23.58 -8.49
CA VAL D 18 -5.53 -22.07 -8.42
C VAL D 18 -4.14 -21.50 -8.09
N SER D 19 -3.63 -21.75 -6.88
CA SER D 19 -2.24 -21.40 -6.47
C SER D 19 -1.50 -22.66 -6.02
N PRO D 20 -0.36 -23.02 -6.66
CA PRO D 20 0.41 -24.19 -6.25
C PRO D 20 0.80 -24.17 -4.75
N ALA D 21 1.12 -22.99 -4.19
CA ALA D 21 1.47 -22.78 -2.77
C ALA D 21 0.38 -23.34 -1.84
N CYS D 22 -0.88 -23.51 -2.28
CA CYS D 22 -1.96 -24.14 -1.47
C CYS D 22 -1.68 -25.63 -1.26
N ALA D 23 -0.64 -26.16 -1.91
CA ALA D 23 -0.09 -27.51 -1.70
C ALA D 23 1.29 -27.50 -0.98
N GLY D 24 1.67 -26.41 -0.29
CA GLY D 24 2.90 -26.35 0.52
C GLY D 24 2.78 -27.20 1.80
N ARG D 25 3.91 -27.57 2.39
CA ARG D 25 3.98 -28.48 3.57
C ARG D 25 3.49 -27.76 4.82
N PHE D 26 3.65 -26.43 4.85
CA PHE D 26 3.51 -25.57 6.08
C PHE D 26 2.35 -24.57 5.96
N GLN D 27 1.14 -25.10 5.92
CA GLN D 27 -0.10 -24.33 5.69
C GLN D 27 -0.77 -23.97 7.03
N SER D 28 -1.77 -23.10 6.95
CA SER D 28 -2.63 -22.66 8.07
C SER D 28 -4.07 -22.89 7.64
N PRO D 29 -5.02 -23.02 8.59
CA PRO D 29 -4.75 -22.94 10.02
C PRO D 29 -4.44 -24.33 10.58
N VAL D 30 -4.22 -24.40 11.89
CA VAL D 30 -3.74 -25.65 12.52
C VAL D 30 -4.54 -25.90 13.80
N ASP D 31 -4.42 -27.13 14.29
CA ASP D 31 -4.88 -27.52 15.64
C ASP D 31 -3.78 -27.14 16.62
N ILE D 32 -4.04 -26.15 17.45
CA ILE D 32 -3.21 -25.80 18.64
C ILE D 32 -3.44 -26.84 19.74
N ARG D 33 -2.37 -27.54 20.15
CA ARG D 33 -2.38 -28.48 21.30
C ARG D 33 -1.50 -27.85 22.38
N PRO D 34 -2.04 -27.12 23.37
CA PRO D 34 -1.21 -26.34 24.28
C PRO D 34 -0.19 -27.21 25.01
N GLN D 35 -0.54 -28.50 25.23
CA GLN D 35 0.34 -29.58 25.74
C GLN D 35 1.67 -29.55 24.97
N LEU D 36 1.63 -29.62 23.64
CA LEU D 36 2.81 -29.73 22.74
C LEU D 36 3.42 -28.37 22.39
N ALA D 37 2.92 -27.26 22.93
CA ALA D 37 3.43 -25.91 22.61
C ALA D 37 4.73 -25.74 23.37
N ALA D 38 5.60 -24.86 22.91
CA ALA D 38 6.91 -24.64 23.56
C ALA D 38 6.85 -23.29 24.26
N PHE D 39 6.95 -23.28 25.59
CA PHE D 39 7.09 -22.04 26.38
C PHE D 39 8.38 -21.32 25.94
N SER D 40 8.24 -20.09 25.46
CA SER D 40 9.32 -19.32 24.78
C SER D 40 9.30 -17.93 25.38
N PRO D 41 9.99 -17.72 26.52
CA PRO D 41 9.93 -16.45 27.24
C PRO D 41 10.47 -15.20 26.53
N ALA D 42 11.04 -15.36 25.33
CA ALA D 42 11.37 -14.28 24.36
C ALA D 42 10.11 -13.53 23.87
N LEU D 43 8.97 -14.20 23.90
CA LEU D 43 7.69 -13.65 23.40
C LEU D 43 7.11 -12.66 24.42
N ARG D 44 7.41 -11.39 24.21
CA ARG D 44 6.95 -10.25 25.05
C ARG D 44 5.53 -9.86 24.60
N PRO D 45 4.79 -9.01 25.35
CA PRO D 45 3.45 -8.62 24.93
C PRO D 45 3.46 -7.75 23.66
N LEU D 46 2.40 -7.93 22.88
CA LEU D 46 2.16 -7.26 21.58
C LEU D 46 1.89 -5.77 21.82
N GLU D 47 2.40 -4.91 20.97
CA GLU D 47 2.17 -3.46 21.11
C GLU D 47 1.51 -2.94 19.84
N LEU D 48 0.32 -2.37 19.98
CA LEU D 48 -0.45 -1.71 18.89
C LEU D 48 -0.42 -0.18 19.08
N LEU D 49 -0.07 0.57 18.04
CA LEU D 49 -0.15 2.06 17.97
C LEU D 49 -1.16 2.47 16.90
N GLY D 50 -2.02 3.43 17.21
CA GLY D 50 -2.88 4.10 16.23
C GLY D 50 -4.11 3.27 15.93
N PHE D 51 -4.51 2.34 16.80
CA PHE D 51 -5.68 1.47 16.54
C PHE D 51 -6.95 2.18 16.96
N GLN D 52 -6.82 3.25 17.76
CA GLN D 52 -7.99 4.01 18.29
C GLN D 52 -8.32 5.10 17.25
N LEU D 53 -9.08 4.72 16.24
CA LEU D 53 -9.37 5.64 15.11
C LEU D 53 -10.51 6.59 15.48
N PRO D 54 -10.49 7.82 14.94
CA PRO D 54 -11.65 8.70 15.01
C PRO D 54 -12.76 8.24 14.06
N PRO D 55 -13.96 8.84 14.12
CA PRO D 55 -15.06 8.49 13.20
C PRO D 55 -14.76 8.79 11.71
N LEU D 56 -14.07 9.90 11.46
CA LEU D 56 -13.62 10.30 10.09
C LEU D 56 -12.11 10.24 10.02
N PRO D 57 -11.54 9.74 8.91
CA PRO D 57 -12.33 9.30 7.76
C PRO D 57 -13.01 7.93 7.96
N GLU D 58 -14.00 7.64 7.14
CA GLU D 58 -14.74 6.35 7.16
C GLU D 58 -13.89 5.27 6.48
N LEU D 59 -14.18 4.02 6.83
CA LEU D 59 -13.51 2.78 6.39
C LEU D 59 -14.44 2.02 5.44
N ARG D 60 -13.93 1.32 4.44
CA ARG D 60 -14.77 0.45 3.58
C ARG D 60 -14.91 -0.92 4.23
N LEU D 61 -16.14 -1.40 4.26
CA LEU D 61 -16.55 -2.75 4.72
C LEU D 61 -17.16 -3.43 3.51
N ARG D 62 -16.65 -4.61 3.16
CA ARG D 62 -16.97 -5.24 1.87
C ARG D 62 -17.34 -6.71 2.13
N ASN D 63 -18.44 -7.11 1.53
CA ASN D 63 -18.76 -8.53 1.25
C ASN D 63 -18.02 -8.91 -0.03
N ASN D 64 -16.85 -9.56 0.10
CA ASN D 64 -16.01 -9.95 -1.06
C ASN D 64 -16.37 -11.39 -1.47
N GLY D 65 -17.45 -11.95 -0.92
CA GLY D 65 -17.97 -13.27 -1.31
C GLY D 65 -17.39 -14.40 -0.47
N HIS D 66 -16.27 -14.17 0.21
CA HIS D 66 -15.48 -15.15 1.01
C HIS D 66 -15.53 -14.76 2.48
N SER D 67 -15.59 -13.46 2.78
CA SER D 67 -15.70 -12.96 4.17
C SER D 67 -16.34 -11.57 4.15
N VAL D 68 -16.46 -10.95 5.32
CA VAL D 68 -16.68 -9.48 5.38
C VAL D 68 -15.32 -8.91 5.74
N GLN D 69 -14.83 -7.93 4.99
CA GLN D 69 -13.49 -7.35 5.21
C GLN D 69 -13.62 -5.86 5.52
N LEU D 70 -12.96 -5.45 6.58
CA LEU D 70 -12.83 -4.04 6.94
C LEU D 70 -11.44 -3.63 6.47
N THR D 71 -11.36 -2.71 5.51
CA THR D 71 -10.06 -2.17 5.03
C THR D 71 -9.61 -1.11 6.05
N LEU D 72 -8.37 -1.19 6.50
CA LEU D 72 -7.84 -0.28 7.55
C LEU D 72 -6.96 0.81 6.94
N PRO D 73 -6.94 2.00 7.56
CA PRO D 73 -6.20 3.14 7.01
C PRO D 73 -4.72 3.01 7.29
N PRO D 74 -3.85 3.83 6.66
CA PRO D 74 -2.45 3.95 7.07
C PRO D 74 -2.32 4.36 8.53
N GLY D 75 -1.03 3.90 9.30
CA GLY D 75 -0.87 4.44 10.66
C GLY D 75 -1.21 3.43 11.73
N LEU D 76 -1.58 2.19 11.40
CA LEU D 76 -1.79 1.17 12.45
C LEU D 76 -0.53 0.31 12.53
N GLU D 77 0.27 0.55 13.57
CA GLU D 77 1.62 -0.02 13.74
C GLU D 77 1.50 -1.13 14.76
N MET D 78 2.16 -2.25 14.49
CA MET D 78 2.09 -3.46 15.35
C MET D 78 3.47 -4.10 15.42
N ALA D 79 3.93 -4.35 16.63
CA ALA D 79 5.22 -5.00 16.93
C ALA D 79 4.94 -6.34 17.63
N LEU D 80 5.45 -7.43 17.08
CA LEU D 80 5.44 -8.78 17.72
C LEU D 80 6.56 -8.88 18.76
N GLY D 81 7.54 -7.99 18.60
CA GLY D 81 8.64 -7.80 19.53
C GLY D 81 9.43 -6.60 19.05
N PRO D 82 10.74 -6.39 19.77
CA PRO D 82 11.69 -5.36 19.36
C PRO D 82 12.24 -5.70 17.96
N GLY D 83 12.20 -4.76 17.02
CA GLY D 83 12.70 -4.98 15.65
C GLY D 83 11.79 -5.86 14.79
N ARG D 84 10.54 -6.14 15.20
CA ARG D 84 9.58 -6.99 14.43
C ARG D 84 8.31 -6.17 14.17
N GLU D 85 8.39 -5.25 13.21
CA GLU D 85 7.42 -4.12 13.05
C GLU D 85 6.54 -4.38 11.82
N TYR D 86 5.25 -4.17 11.99
CA TYR D 86 4.20 -4.45 10.98
C TYR D 86 3.23 -3.26 10.89
N ARG D 87 2.46 -3.18 9.81
CA ARG D 87 1.39 -2.18 9.62
C ARG D 87 0.14 -2.97 9.27
N ALA D 88 -0.98 -2.64 9.89
CA ALA D 88 -2.27 -3.32 9.65
C ALA D 88 -2.80 -2.90 8.28
N LEU D 89 -3.31 -3.87 7.52
CA LEU D 89 -3.95 -3.68 6.20
C LEU D 89 -5.48 -3.77 6.29
N GLN D 90 -6.01 -4.73 7.05
CA GLN D 90 -7.42 -5.13 6.90
C GLN D 90 -7.70 -6.13 8.01
N LEU D 91 -8.99 -6.27 8.37
CA LEU D 91 -9.44 -7.41 9.19
C LEU D 91 -10.65 -8.03 8.52
N HIS D 92 -10.88 -9.31 8.80
CA HIS D 92 -12.01 -10.08 8.25
C HIS D 92 -12.34 -11.23 9.23
N LEU D 93 -13.39 -11.97 8.94
CA LEU D 93 -13.94 -12.90 9.95
C LEU D 93 -14.15 -14.25 9.27
N HIS D 94 -14.00 -15.32 10.03
CA HIS D 94 -14.42 -16.66 9.55
C HIS D 94 -15.46 -17.16 10.54
N TRP D 95 -16.53 -17.80 10.04
CA TRP D 95 -17.70 -18.19 10.88
C TRP D 95 -18.38 -19.43 10.28
N GLY D 96 -19.31 -20.03 11.02
CA GLY D 96 -19.98 -21.26 10.56
C GLY D 96 -21.38 -21.02 10.04
N ALA D 97 -22.35 -21.74 10.63
CA ALA D 97 -23.82 -21.62 10.46
C ALA D 97 -24.52 -21.84 11.82
N ALA D 98 -25.79 -22.28 11.82
CA ALA D 98 -26.62 -22.34 13.05
C ALA D 98 -26.15 -23.52 13.93
N GLY D 99 -25.59 -23.22 15.12
CA GLY D 99 -24.86 -24.17 15.98
C GLY D 99 -23.89 -25.11 15.23
N ARG D 100 -23.27 -24.66 14.13
CA ARG D 100 -22.07 -25.31 13.53
C ARG D 100 -20.94 -24.29 13.60
N PRO D 101 -19.90 -24.49 14.43
CA PRO D 101 -18.89 -23.46 14.61
C PRO D 101 -18.02 -23.33 13.35
N GLY D 102 -17.28 -22.21 13.21
CA GLY D 102 -16.54 -21.90 11.97
C GLY D 102 -15.20 -21.21 12.18
N SER D 103 -14.61 -21.22 13.39
CA SER D 103 -13.20 -20.77 13.62
C SER D 103 -12.26 -21.56 12.68
N GLU D 104 -11.09 -21.02 12.32
CA GLU D 104 -10.18 -21.67 11.35
C GLU D 104 -9.21 -22.54 12.16
N HIS D 105 -8.62 -21.92 13.18
CA HIS D 105 -7.82 -22.57 14.25
C HIS D 105 -8.77 -23.35 15.17
N THR D 106 -8.33 -24.51 15.65
CA THR D 106 -9.02 -25.29 16.71
C THR D 106 -8.06 -25.42 17.89
N VAL D 107 -8.56 -25.68 19.10
CA VAL D 107 -7.71 -25.95 20.29
C VAL D 107 -8.07 -27.33 20.88
N GLU D 108 -7.09 -28.25 20.93
CA GLU D 108 -7.26 -29.68 21.31
C GLU D 108 -8.50 -30.17 20.56
N GLY D 109 -8.63 -29.73 19.30
CA GLY D 109 -9.65 -30.22 18.36
C GLY D 109 -10.97 -29.46 18.47
N HIS D 110 -11.13 -28.56 19.45
CA HIS D 110 -12.38 -27.75 19.61
C HIS D 110 -12.39 -26.58 18.59
N ARG D 111 -13.39 -26.53 17.72
CA ARG D 111 -13.69 -25.37 16.84
C ARG D 111 -14.54 -24.36 17.60
N PHE D 112 -14.14 -23.09 17.64
CA PHE D 112 -14.94 -22.01 18.27
C PHE D 112 -15.97 -21.44 17.28
N PRO D 113 -17.00 -20.72 17.77
CA PRO D 113 -18.04 -20.19 16.88
C PRO D 113 -17.48 -19.41 15.66
N ALA D 114 -16.58 -18.47 15.90
CA ALA D 114 -15.99 -17.66 14.81
C ALA D 114 -14.59 -17.17 15.18
N GLU D 115 -13.87 -16.61 14.19
CA GLU D 115 -12.48 -16.14 14.33
C GLU D 115 -12.35 -14.78 13.62
N ILE D 116 -11.62 -13.86 14.23
CA ILE D 116 -11.17 -12.60 13.57
C ILE D 116 -9.70 -12.71 13.17
N HIS D 117 -9.36 -12.22 11.98
CA HIS D 117 -7.96 -12.02 11.50
C HIS D 117 -7.68 -10.53 11.26
N VAL D 118 -6.66 -9.99 11.91
CA VAL D 118 -6.08 -8.68 11.50
C VAL D 118 -4.78 -8.93 10.72
N VAL D 119 -4.80 -8.69 9.42
CA VAL D 119 -3.63 -8.95 8.52
C VAL D 119 -2.74 -7.71 8.50
N HIS D 120 -1.43 -7.95 8.60
CA HIS D 120 -0.37 -6.93 8.75
C HIS D 120 0.77 -7.22 7.77
N LEU D 121 1.42 -6.15 7.30
CA LEU D 121 2.56 -6.20 6.35
C LEU D 121 3.80 -5.77 7.11
N SER D 122 4.88 -6.49 6.99
CA SER D 122 6.18 -6.09 7.56
C SER D 122 6.52 -4.71 6.99
N THR D 123 7.04 -3.81 7.85
CA THR D 123 7.47 -2.47 7.46
C THR D 123 8.55 -2.63 6.39
N ALA D 124 9.32 -3.91 6.16
CA ALA D 124 10.41 -3.99 5.17
C ALA D 124 9.84 -4.07 3.75
N PHE D 125 8.52 -4.20 3.59
CA PHE D 125 7.88 -4.34 2.26
C PHE D 125 6.93 -3.15 2.02
N ALA D 126 6.93 -2.63 0.79
CA ALA D 126 6.03 -1.56 0.30
C ALA D 126 4.66 -2.16 -0.02
N ARG D 127 4.61 -3.40 -0.50
CA ARG D 127 3.35 -3.98 -1.01
C ARG D 127 3.26 -5.45 -0.58
N VAL D 128 2.03 -5.91 -0.44
CA VAL D 128 1.70 -7.30 -0.05
C VAL D 128 2.30 -8.29 -1.04
N ASP D 129 2.29 -8.02 -2.34
CA ASP D 129 2.70 -9.07 -3.33
C ASP D 129 4.21 -9.32 -3.23
N GLU D 130 4.99 -8.31 -2.82
CA GLU D 130 6.44 -8.47 -2.51
C GLU D 130 6.63 -9.37 -1.27
N ALA D 131 5.69 -9.36 -0.31
CA ALA D 131 5.86 -9.99 1.02
C ALA D 131 5.44 -11.47 0.98
N LEU D 132 4.52 -11.82 0.08
CA LEU D 132 4.00 -13.21 -0.04
C LEU D 132 5.18 -14.18 -0.17
N GLY D 133 5.22 -15.18 0.70
CA GLY D 133 6.19 -16.29 0.63
C GLY D 133 7.51 -15.89 1.25
N ARG D 134 7.63 -14.64 1.69
CA ARG D 134 8.90 -14.14 2.27
C ARG D 134 8.80 -14.30 3.78
N PRO D 135 9.88 -14.67 4.48
CA PRO D 135 9.80 -14.99 5.91
C PRO D 135 9.39 -13.77 6.73
N GLY D 136 8.29 -13.89 7.46
CA GLY D 136 7.78 -12.85 8.35
C GLY D 136 7.23 -11.64 7.59
N GLY D 137 6.93 -11.83 6.30
CA GLY D 137 6.51 -10.73 5.40
C GLY D 137 5.11 -10.26 5.74
N LEU D 138 4.23 -11.19 6.11
CA LEU D 138 2.90 -10.89 6.71
C LEU D 138 2.81 -11.47 8.12
N ALA D 139 1.97 -10.88 8.95
CA ALA D 139 1.66 -11.34 10.33
C ALA D 139 0.17 -11.20 10.51
N VAL D 140 -0.46 -12.25 11.03
CA VAL D 140 -1.91 -12.20 11.36
C VAL D 140 -2.08 -12.24 12.87
N LEU D 141 -2.88 -11.33 13.44
CA LEU D 141 -3.32 -11.45 14.85
C LEU D 141 -4.70 -12.09 14.77
N ALA D 142 -4.89 -13.22 15.46
CA ALA D 142 -6.11 -14.06 15.39
C ALA D 142 -6.73 -14.22 16.79
N ALA D 143 -8.04 -14.08 16.88
CA ALA D 143 -8.79 -14.24 18.14
C ALA D 143 -10.06 -15.01 17.82
N PHE D 144 -10.37 -15.95 18.69
CA PHE D 144 -11.64 -16.69 18.66
C PHE D 144 -12.71 -15.74 19.20
N LEU D 145 -13.89 -15.92 18.67
CA LEU D 145 -15.12 -15.33 19.21
C LEU D 145 -15.94 -16.50 19.74
N GLU D 146 -16.35 -16.40 21.00
CA GLU D 146 -17.28 -17.34 21.70
C GLU D 146 -18.64 -16.67 22.01
N GLU D 147 -19.68 -17.49 22.17
CA GLU D 147 -20.99 -17.10 22.72
C GLU D 147 -20.77 -16.60 24.16
N GLY D 148 -21.31 -15.43 24.47
CA GLY D 148 -21.28 -14.83 25.82
C GLY D 148 -22.67 -14.33 26.19
N PRO D 149 -22.87 -13.94 27.47
CA PRO D 149 -24.15 -13.40 27.91
C PRO D 149 -24.42 -11.98 27.37
N GLU D 150 -23.45 -11.04 27.49
CA GLU D 150 -23.59 -9.60 27.09
C GLU D 150 -23.44 -9.43 25.56
N GLU D 151 -23.82 -8.24 25.07
CA GLU D 151 -23.66 -7.82 23.66
C GLU D 151 -22.31 -7.11 23.55
N ASN D 152 -21.44 -7.51 22.59
CA ASN D 152 -20.15 -6.80 22.35
C ASN D 152 -20.50 -5.52 21.59
N SER D 153 -20.33 -4.37 22.25
CA SER D 153 -20.73 -3.06 21.69
C SER D 153 -19.75 -2.71 20.56
N ALA D 154 -18.48 -3.08 20.70
CA ALA D 154 -17.45 -2.84 19.65
C ALA D 154 -17.85 -3.62 18.39
N TYR D 155 -18.21 -4.90 18.50
CA TYR D 155 -18.60 -5.73 17.34
C TYR D 155 -19.93 -5.21 16.77
N GLU D 156 -20.80 -4.59 17.58
CA GLU D 156 -22.15 -4.14 17.15
C GLU D 156 -22.02 -3.08 16.05
N GLN D 157 -20.99 -2.24 16.12
CA GLN D 157 -20.72 -1.21 15.07
C GLN D 157 -20.48 -1.83 13.69
N LEU D 158 -19.84 -3.00 13.60
CA LEU D 158 -19.70 -3.69 12.29
C LEU D 158 -20.94 -4.55 12.03
N LEU D 159 -21.46 -5.23 13.05
CA LEU D 159 -22.52 -6.25 12.80
C LEU D 159 -23.82 -5.54 12.41
N SER D 160 -24.03 -4.31 12.89
CA SER D 160 -25.26 -3.52 12.57
C SER D 160 -25.24 -3.08 11.10
N ARG D 161 -24.13 -3.27 10.37
CA ARG D 161 -24.01 -2.78 8.97
C ARG D 161 -24.00 -3.94 7.98
N LEU D 162 -24.00 -5.20 8.45
CA LEU D 162 -23.95 -6.39 7.55
C LEU D 162 -25.15 -6.39 6.60
N GLU D 163 -26.35 -6.12 7.11
CA GLU D 163 -27.62 -5.95 6.37
C GLU D 163 -27.38 -5.22 5.04
N GLU D 164 -26.68 -4.09 5.09
CA GLU D 164 -26.44 -3.22 3.89
C GLU D 164 -25.51 -3.90 2.88
N ILE D 165 -24.68 -4.86 3.27
CA ILE D 165 -23.79 -5.52 2.29
C ILE D 165 -24.16 -7.01 2.12
N ALA D 166 -25.44 -7.34 2.23
CA ALA D 166 -25.92 -8.74 2.13
C ALA D 166 -25.48 -9.32 0.78
N GLU D 167 -25.60 -8.56 -0.29
CA GLU D 167 -25.28 -9.02 -1.65
C GLU D 167 -23.77 -9.25 -1.74
N GLU D 168 -23.35 -10.39 -2.28
CA GLU D 168 -21.91 -10.65 -2.56
C GLU D 168 -21.36 -9.49 -3.42
N GLY D 169 -20.12 -9.09 -3.21
CA GLY D 169 -19.46 -8.02 -3.99
C GLY D 169 -19.97 -6.61 -3.63
N SER D 170 -20.69 -6.46 -2.53
CA SER D 170 -21.30 -5.16 -2.14
C SER D 170 -20.43 -4.57 -1.04
N GLU D 171 -20.46 -3.25 -0.85
CA GLU D 171 -19.67 -2.56 0.20
C GLU D 171 -20.41 -1.33 0.73
N THR D 172 -19.94 -0.85 1.86
CA THR D 172 -20.51 0.31 2.53
C THR D 172 -19.38 1.00 3.27
N GLN D 173 -19.57 2.26 3.62
CA GLN D 173 -18.60 3.05 4.40
C GLN D 173 -19.11 3.03 5.84
N VAL D 174 -18.21 2.90 6.81
CA VAL D 174 -18.58 2.91 8.25
C VAL D 174 -17.59 3.80 8.97
N PRO D 175 -18.02 4.39 10.10
CA PRO D 175 -17.15 5.26 10.89
C PRO D 175 -15.97 4.48 11.47
N GLY D 176 -14.80 5.13 11.55
CA GLY D 176 -13.67 4.67 12.37
C GLY D 176 -14.15 4.24 13.76
N LEU D 177 -13.45 3.27 14.34
CA LEU D 177 -13.70 2.75 15.71
C LEU D 177 -12.39 2.26 16.33
N ASP D 178 -12.44 1.89 17.61
CA ASP D 178 -11.30 1.30 18.35
C ASP D 178 -11.09 -0.11 17.80
N ILE D 179 -10.14 -0.28 16.89
CA ILE D 179 -9.93 -1.59 16.19
C ILE D 179 -9.45 -2.58 17.25
N SER D 180 -8.63 -2.12 18.20
CA SER D 180 -8.06 -2.92 19.30
C SER D 180 -9.17 -3.38 20.28
N ALA D 181 -10.38 -2.82 20.22
CA ALA D 181 -11.54 -3.25 21.02
C ALA D 181 -12.24 -4.44 20.35
N LEU D 182 -11.89 -4.79 19.12
CA LEU D 182 -12.35 -6.03 18.46
C LEU D 182 -11.50 -7.24 18.90
N LEU D 183 -10.41 -7.01 19.62
CA LEU D 183 -9.48 -8.05 20.10
C LEU D 183 -9.56 -8.22 21.62
N PRO D 184 -9.01 -9.33 22.16
CA PRO D 184 -8.92 -9.51 23.60
C PRO D 184 -8.11 -8.40 24.30
N SER D 185 -8.32 -8.18 25.61
CA SER D 185 -7.52 -7.22 26.45
C SER D 185 -6.14 -7.81 26.82
N ASP D 186 -6.00 -9.15 26.93
CA ASP D 186 -4.70 -9.78 27.27
C ASP D 186 -3.84 -9.92 26.00
N PHE D 187 -2.85 -9.04 25.83
CA PHE D 187 -1.90 -9.00 24.69
C PHE D 187 -0.62 -9.77 25.04
N SER D 188 -0.58 -10.45 26.18
CA SER D 188 0.69 -11.05 26.69
C SER D 188 0.63 -12.60 26.59
N ARG D 189 -0.56 -13.17 26.44
CA ARG D 189 -0.78 -14.64 26.44
C ARG D 189 -1.26 -15.06 25.05
N TYR D 190 -0.42 -15.74 24.28
CA TYR D 190 -0.75 -16.16 22.90
C TYR D 190 0.11 -17.35 22.50
N PHE D 191 -0.37 -18.05 21.48
CA PHE D 191 0.43 -19.00 20.67
C PHE D 191 0.95 -18.26 19.43
N GLN D 192 2.17 -18.58 18.97
CA GLN D 192 2.76 -18.04 17.72
C GLN D 192 3.30 -19.18 16.84
N TYR D 193 3.08 -19.21 15.54
CA TYR D 193 3.74 -20.22 14.67
C TYR D 193 3.87 -19.67 13.26
N GLU D 194 4.74 -20.26 12.45
CA GLU D 194 4.92 -19.89 11.02
C GLU D 194 3.98 -20.77 10.19
N GLY D 195 3.17 -20.12 9.35
CA GLY D 195 2.20 -20.79 8.48
C GLY D 195 2.00 -20.04 7.18
N SER D 196 0.76 -20.00 6.69
CA SER D 196 0.45 -19.53 5.33
C SER D 196 -0.78 -18.64 5.35
N LEU D 197 -1.17 -18.10 4.20
CA LEU D 197 -2.55 -17.58 4.08
C LEU D 197 -3.47 -18.79 4.18
N THR D 198 -4.69 -18.63 4.69
CA THR D 198 -5.69 -19.74 4.71
C THR D 198 -6.57 -19.66 3.47
N THR D 199 -6.32 -18.70 2.59
CA THR D 199 -7.03 -18.57 1.29
C THR D 199 -5.98 -18.60 0.19
N PRO D 200 -6.34 -18.93 -1.06
CA PRO D 200 -5.41 -18.77 -2.17
C PRO D 200 -4.93 -17.33 -2.15
N PRO D 201 -3.67 -17.04 -2.54
CA PRO D 201 -2.72 -18.04 -3.03
C PRO D 201 -1.97 -18.89 -1.97
N CYS D 202 -2.39 -18.88 -0.71
CA CYS D 202 -1.88 -19.79 0.36
C CYS D 202 -0.36 -19.65 0.58
N ALA D 203 0.23 -18.48 0.34
CA ALA D 203 1.67 -18.28 0.43
C ALA D 203 2.14 -18.53 1.86
N GLN D 204 3.29 -19.19 2.02
CA GLN D 204 3.94 -19.47 3.32
C GLN D 204 4.72 -18.23 3.76
N GLY D 205 5.25 -18.25 4.98
CA GLY D 205 6.08 -17.15 5.53
C GLY D 205 5.32 -16.27 6.49
N VAL D 206 4.07 -16.64 6.83
CA VAL D 206 3.14 -15.80 7.62
C VAL D 206 3.36 -16.10 9.09
N ILE D 207 3.61 -15.08 9.90
CA ILE D 207 3.64 -15.29 11.37
C ILE D 207 2.25 -15.14 11.94
N TRP D 208 1.68 -16.26 12.37
CA TRP D 208 0.38 -16.31 13.05
C TRP D 208 0.58 -16.11 14.55
N THR D 209 -0.12 -15.16 15.14
CA THR D 209 -0.26 -15.02 16.60
C THR D 209 -1.70 -15.30 16.97
N VAL D 210 -1.95 -16.23 17.90
CA VAL D 210 -3.33 -16.66 18.28
C VAL D 210 -3.49 -16.46 19.77
N PHE D 211 -4.41 -15.59 20.17
CA PHE D 211 -4.57 -15.18 21.59
C PHE D 211 -5.11 -16.35 22.40
N ASN D 212 -4.65 -16.56 23.64
CA ASN D 212 -5.27 -17.45 24.67
C ASN D 212 -6.69 -16.93 24.98
N GLN D 213 -6.79 -15.67 25.43
CA GLN D 213 -8.11 -15.06 25.78
C GLN D 213 -8.96 -14.97 24.50
N THR D 214 -10.24 -15.29 24.63
CA THR D 214 -11.27 -15.14 23.58
C THR D 214 -12.04 -13.84 23.82
N VAL D 215 -12.95 -13.54 22.88
CA VAL D 215 -13.76 -12.31 22.81
C VAL D 215 -15.20 -12.83 22.80
N MET D 216 -16.09 -12.21 23.57
CA MET D 216 -17.48 -12.74 23.70
C MET D 216 -18.47 -11.88 22.88
N LEU D 217 -19.26 -12.56 22.05
CA LEU D 217 -20.43 -12.02 21.32
C LEU D 217 -21.70 -12.69 21.87
N SER D 218 -22.84 -12.01 21.79
CA SER D 218 -24.18 -12.54 22.17
C SER D 218 -24.62 -13.52 21.07
N ALA D 219 -25.55 -14.40 21.40
CA ALA D 219 -26.12 -15.31 20.39
C ALA D 219 -26.69 -14.47 19.23
N LYS D 220 -27.38 -13.33 19.47
CA LYS D 220 -27.97 -12.52 18.35
C LYS D 220 -26.81 -12.13 17.42
N GLN D 221 -25.71 -11.65 18.01
CA GLN D 221 -24.50 -11.20 17.27
C GLN D 221 -23.95 -12.36 16.40
N LEU D 222 -23.68 -13.53 17.00
CA LEU D 222 -23.16 -14.68 16.23
C LEU D 222 -24.13 -15.03 15.11
N HIS D 223 -25.45 -14.96 15.37
CA HIS D 223 -26.50 -15.29 14.38
C HIS D 223 -26.44 -14.24 13.26
N THR D 224 -26.24 -12.96 13.62
CA THR D 224 -26.22 -11.86 12.65
C THR D 224 -25.05 -12.11 11.69
N LEU D 225 -23.88 -12.49 12.24
CA LEU D 225 -22.65 -12.76 11.44
C LEU D 225 -22.90 -13.91 10.45
N SER D 226 -23.50 -15.00 10.92
CA SER D 226 -23.66 -16.28 10.17
C SER D 226 -24.84 -16.23 9.19
N ASP D 227 -25.88 -15.45 9.49
CA ASP D 227 -27.19 -15.57 8.78
C ASP D 227 -27.40 -14.38 7.83
N THR D 228 -26.53 -13.35 7.79
CA THR D 228 -26.87 -12.09 7.06
C THR D 228 -26.29 -12.05 5.65
N LEU D 229 -25.08 -12.57 5.38
CA LEU D 229 -24.39 -12.32 4.08
C LEU D 229 -24.56 -13.49 3.12
N TRP D 230 -24.45 -13.21 1.83
CA TRP D 230 -24.67 -14.13 0.69
C TRP D 230 -23.38 -14.20 -0.15
N GLY D 231 -23.05 -15.38 -0.64
CA GLY D 231 -21.76 -15.63 -1.29
C GLY D 231 -21.99 -15.98 -2.76
N PRO D 232 -20.99 -16.60 -3.38
CA PRO D 232 -21.09 -16.96 -4.78
C PRO D 232 -22.33 -17.84 -4.99
N GLY D 233 -23.05 -17.64 -6.10
CA GLY D 233 -24.28 -18.40 -6.41
C GLY D 233 -25.46 -17.93 -5.57
N ASP D 234 -26.54 -18.72 -5.51
CA ASP D 234 -27.67 -18.30 -4.66
C ASP D 234 -27.39 -18.79 -3.22
N SER D 235 -26.11 -18.94 -2.84
CA SER D 235 -25.67 -19.58 -1.56
C SER D 235 -25.51 -18.56 -0.44
N ARG D 236 -25.85 -18.93 0.80
CA ARG D 236 -25.47 -18.15 2.00
C ARG D 236 -23.94 -18.13 2.13
N LEU D 237 -23.40 -17.09 2.76
CA LEU D 237 -21.96 -16.99 3.03
C LEU D 237 -21.78 -17.56 4.42
N GLN D 238 -21.50 -18.85 4.48
CA GLN D 238 -21.40 -19.59 5.78
C GLN D 238 -20.29 -20.63 5.67
N LEU D 239 -19.73 -21.03 6.82
CA LEU D 239 -18.70 -22.09 6.90
C LEU D 239 -17.49 -21.64 6.05
N ASN D 240 -17.05 -20.41 6.26
CA ASN D 240 -16.04 -19.74 5.40
C ASN D 240 -14.69 -19.94 6.09
N PHE D 241 -14.36 -21.22 6.35
CA PHE D 241 -13.14 -21.68 7.06
C PHE D 241 -12.50 -22.82 6.27
N ARG D 242 -11.19 -22.86 6.31
CA ARG D 242 -10.42 -23.95 5.68
C ARG D 242 -10.22 -25.08 6.70
N ALA D 243 -10.13 -26.32 6.22
CA ALA D 243 -9.82 -27.49 7.07
C ALA D 243 -8.44 -27.31 7.71
N THR D 244 -8.29 -27.70 8.99
CA THR D 244 -7.00 -27.70 9.74
C THR D 244 -5.97 -28.52 8.97
N GLN D 245 -4.73 -28.08 9.08
CA GLN D 245 -3.58 -28.48 8.28
C GLN D 245 -2.56 -29.04 9.26
N PRO D 246 -1.85 -30.12 8.88
CA PRO D 246 -0.93 -30.73 9.83
C PRO D 246 0.25 -29.78 10.07
N LEU D 247 0.75 -29.76 11.30
CA LEU D 247 1.98 -29.00 11.65
C LEU D 247 3.16 -29.48 10.81
N ASN D 248 3.18 -30.77 10.43
CA ASN D 248 4.29 -31.36 9.65
C ASN D 248 5.64 -31.03 10.29
N GLY D 249 5.72 -31.05 11.63
CA GLY D 249 6.95 -30.90 12.43
C GLY D 249 7.23 -29.48 12.87
N ARG D 250 6.34 -28.54 12.52
CA ARG D 250 6.37 -27.18 13.11
C ARG D 250 6.06 -27.33 14.60
N VAL D 251 6.73 -26.54 15.40
CA VAL D 251 6.46 -26.36 16.85
C VAL D 251 5.72 -25.04 17.05
N ILE D 252 4.57 -25.07 17.70
CA ILE D 252 3.86 -23.83 18.09
C ILE D 252 4.49 -23.34 19.37
N GLU D 253 4.80 -22.05 19.44
CA GLU D 253 5.30 -21.40 20.68
C GLU D 253 4.10 -20.84 21.44
N ALA D 254 4.28 -20.74 22.76
CA ALA D 254 3.35 -20.17 23.75
C ALA D 254 4.15 -19.13 24.54
N SER D 255 3.55 -17.96 24.82
CA SER D 255 4.19 -16.81 25.49
C SER D 255 4.09 -16.98 27.02
N PHE D 256 3.48 -18.07 27.48
CA PHE D 256 3.21 -18.34 28.92
C PHE D 256 3.49 -19.81 29.22
N PRO D 257 3.85 -20.16 30.49
CA PRO D 257 4.16 -21.53 30.87
C PRO D 257 2.95 -22.48 30.90
#